data_8ZBH
#
_entry.id   8ZBH
#
_cell.length_a   46.170
_cell.length_b   101.740
_cell.length_c   149.080
_cell.angle_alpha   90.000
_cell.angle_beta   90.000
_cell.angle_gamma   90.000
#
_symmetry.space_group_name_H-M   'P 21 21 21'
#
loop_
_entity.id
_entity.type
_entity.pdbx_description
1 polymer 'Transcriptional enhancer factor TEF-5'
2 non-polymer 1-[7-[4-(trifluoromethyl)phenyl]-3,4-dihydro-1~{H}-isoquinolin-2-yl]propan-1-one
3 water water
#
_entity_poly.entity_id   1
_entity_poly.type   'polypeptide(L)'
_entity_poly.pdbx_seq_one_letter_code
;SQDRTIASSRLRLLEYSAFMEVQRDPDTYSKHLFVHIGQTNPAFSDPPLEAVDVRQIYDKFPEKKGGLKELYEKGPPNAF
FLVKFWADLNSTIQEGPGAFYGVSSQYSSADSMTISVSTKVCSFGKQVVEKVETEYARLENGRFVYRIHRSPMCEYMINF
IHKLKHLPEKYMMNSVLENFTILQVVTSRDSQETLLVIAFVFEVSTSEHGAQHHVYKLVKD
;
_entity_poly.pdbx_strand_id   A,B,C
#
loop_
_chem_comp.id
_chem_comp.type
_chem_comp.name
_chem_comp.formula
A1L1O non-polymer 1-[7-[4-(trifluoromethyl)phenyl]-3,4-dihydro-1~{H}-isoquinolin-2-yl]propan-1-one 'C19 H18 F3 N O'
#
# COMPACT_ATOMS: atom_id res chain seq x y z
N ASP A 3 2.81 24.26 35.86
CA ASP A 3 1.37 24.42 36.07
C ASP A 3 0.77 23.10 36.40
N ARG A 4 1.59 22.22 36.97
CA ARG A 4 1.23 20.83 37.20
C ARG A 4 1.69 20.17 35.90
N THR A 5 1.74 20.94 34.82
CA THR A 5 2.26 20.43 33.54
C THR A 5 3.77 20.24 33.47
N ILE A 6 4.22 19.27 32.67
CA ILE A 6 5.64 19.09 32.45
C ILE A 6 5.97 20.06 31.37
N ALA A 7 6.31 21.27 31.74
CA ALA A 7 6.51 22.26 30.71
C ALA A 7 7.58 23.28 31.00
N SER A 8 8.11 23.90 29.97
CA SER A 8 9.04 24.98 30.17
C SER A 8 8.31 26.17 29.67
N SER A 9 9.05 27.22 29.37
CA SER A 9 8.38 28.33 28.71
C SER A 9 8.31 28.15 27.20
N ARG A 10 9.13 27.25 26.66
CA ARG A 10 9.23 27.05 25.23
C ARG A 10 8.68 25.71 24.76
N LEU A 11 8.47 24.74 25.65
CA LEU A 11 8.10 23.42 25.17
C LEU A 11 7.37 22.65 26.27
N ARG A 12 6.27 22.00 25.89
CA ARG A 12 5.44 21.21 26.79
C ARG A 12 5.37 19.78 26.27
N LEU A 13 5.52 18.81 27.17
CA LEU A 13 5.33 17.42 26.81
C LEU A 13 3.85 17.10 26.97
N LEU A 14 3.16 16.74 25.90
CA LEU A 14 1.74 16.48 26.00
C LEU A 14 1.49 15.03 26.33
N GLU A 15 2.04 14.13 25.53
CA GLU A 15 1.92 12.71 25.80
C GLU A 15 3.20 11.91 25.62
N TYR A 16 3.35 10.82 26.38
CA TYR A 16 4.50 9.95 26.27
C TYR A 16 4.05 8.53 26.45
N SER A 17 4.50 7.62 25.61
CA SER A 17 3.99 6.25 25.65
C SER A 17 5.03 5.27 25.15
N ALA A 18 5.40 4.30 25.98
CA ALA A 18 6.28 3.21 25.57
C ALA A 18 5.50 1.89 25.57
N PHE A 19 5.48 1.20 24.43
CA PHE A 19 4.49 0.14 24.24
C PHE A 19 5.06 -1.01 23.41
N MET A 20 4.31 -2.13 23.40
CA MET A 20 4.52 -3.23 22.45
C MET A 20 3.20 -3.51 21.73
N GLU A 21 3.29 -3.75 20.43
CA GLU A 21 2.12 -4.05 19.63
C GLU A 21 2.32 -5.40 18.95
N VAL A 22 1.26 -6.19 18.93
CA VAL A 22 1.27 -7.50 18.28
C VAL A 22 0.03 -7.58 17.41
N GLN A 23 0.14 -8.26 16.26
CA GLN A 23 -0.98 -8.41 15.33
C GLN A 23 -1.63 -9.76 15.55
N ARG A 24 -2.86 -9.76 16.03
CA ARG A 24 -3.52 -11.03 16.32
C ARG A 24 -3.98 -11.69 15.02
N ASP A 25 -4.65 -10.96 14.15
CA ASP A 25 -5.09 -11.48 12.87
C ASP A 25 -4.92 -10.38 11.84
N PRO A 26 -5.16 -10.60 10.53
CA PRO A 26 -4.80 -9.55 9.55
C PRO A 26 -5.49 -8.21 9.77
N ASP A 27 -6.61 -8.16 10.48
CA ASP A 27 -7.30 -6.90 10.75
C ASP A 27 -7.19 -6.44 12.20
N THR A 28 -6.58 -7.22 13.09
CA THR A 28 -6.67 -6.96 14.52
C THR A 28 -5.29 -6.77 15.13
N TYR A 29 -5.16 -5.75 15.97
CA TYR A 29 -3.90 -5.47 16.63
C TYR A 29 -4.12 -5.28 18.14
N SER A 30 -3.18 -5.75 18.95
CA SER A 30 -3.18 -5.52 20.39
C SER A 30 -1.97 -4.69 20.80
N LYS A 31 -2.17 -3.76 21.74
CA LYS A 31 -1.09 -2.89 22.18
C LYS A 31 -1.08 -2.85 23.70
N HIS A 32 0.04 -3.23 24.29
CA HIS A 32 0.25 -3.09 25.72
C HIS A 32 1.18 -1.92 25.97
N LEU A 33 0.79 -1.01 26.88
CA LEU A 33 1.61 0.11 27.25
C LEU A 33 2.42 -0.21 28.51
N PHE A 34 3.74 -0.01 28.44
CA PHE A 34 4.54 -0.22 29.65
C PHE A 34 4.47 0.98 30.57
N VAL A 35 4.68 2.17 29.99
CA VAL A 35 4.64 3.42 30.74
C VAL A 35 3.83 4.42 29.95
N HIS A 36 3.19 5.36 30.61
CA HIS A 36 2.32 6.27 29.90
C HIS A 36 2.21 7.61 30.65
N ILE A 37 2.19 8.69 29.87
CA ILE A 37 1.77 10.01 30.31
C ILE A 37 0.75 10.51 29.29
N GLY A 38 -0.40 10.95 29.76
CA GLY A 38 -1.51 11.29 28.88
C GLY A 38 -1.77 12.78 28.89
N GLN A 39 -2.24 13.29 27.76
CA GLN A 39 -2.59 14.70 27.69
C GLN A 39 -3.67 15.00 28.70
N THR A 40 -3.36 15.85 29.66
CA THR A 40 -4.35 16.33 30.60
C THR A 40 -4.45 17.84 30.45
N ASN A 41 -5.62 18.37 30.78
CA ASN A 41 -5.66 19.82 30.79
C ASN A 41 -5.48 20.28 32.22
N PRO A 42 -4.58 21.23 32.46
CA PRO A 42 -4.39 21.72 33.82
C PRO A 42 -5.72 22.24 34.36
N ALA A 43 -5.97 21.94 35.63
CA ALA A 43 -7.13 22.51 36.30
C ALA A 43 -6.64 23.57 37.27
N PHE A 44 -7.46 24.61 37.45
CA PHE A 44 -7.08 25.70 38.36
C PHE A 44 -6.86 25.19 39.79
N SER A 45 -7.56 24.13 40.19
CA SER A 45 -7.55 23.62 41.55
C SER A 45 -6.42 22.63 41.82
N ASP A 46 -5.50 22.42 40.86
CA ASP A 46 -4.49 21.37 40.95
C ASP A 46 -3.33 21.82 41.84
N PRO A 47 -2.89 20.98 42.79
CA PRO A 47 -1.83 21.41 43.69
C PRO A 47 -0.57 21.67 42.91
N PRO A 48 0.30 22.56 43.40
CA PRO A 48 1.56 22.80 42.71
C PRO A 48 2.45 21.57 42.81
N LEU A 49 3.30 21.39 41.80
CA LEU A 49 4.16 20.22 41.76
C LEU A 49 5.13 20.23 42.93
N GLU A 50 5.40 19.04 43.47
CA GLU A 50 6.39 18.94 44.53
C GLU A 50 7.79 19.10 43.96
N ALA A 51 8.70 19.62 44.78
CA ALA A 51 10.06 19.88 44.39
C ALA A 51 10.98 18.76 44.88
N VAL A 52 11.91 18.35 44.02
CA VAL A 52 12.97 17.42 44.34
C VAL A 52 14.29 18.12 44.07
N ASP A 53 15.16 18.18 45.08
CA ASP A 53 16.48 18.79 44.91
C ASP A 53 17.27 18.06 43.83
N VAL A 54 17.68 18.79 42.78
CA VAL A 54 18.34 18.16 41.65
C VAL A 54 19.60 17.43 42.08
N ARG A 55 20.22 17.86 43.18
CA ARG A 55 21.48 17.27 43.62
C ARG A 55 21.32 15.84 44.14
N GLN A 56 20.13 15.46 44.59
CA GLN A 56 19.94 14.09 45.08
C GLN A 56 19.94 13.06 43.96
N ILE A 57 19.75 13.46 42.69
CA ILE A 57 19.71 12.51 41.59
C ILE A 57 20.87 12.69 40.62
N TYR A 58 21.76 13.64 40.90
CA TYR A 58 23.00 13.75 40.14
C TYR A 58 23.62 12.38 39.87
N ASP A 59 23.71 11.52 40.90
CA ASP A 59 24.41 10.25 40.78
C ASP A 59 23.63 9.18 40.02
N LYS A 60 22.38 9.46 39.61
CA LYS A 60 21.62 8.50 38.83
C LYS A 60 21.84 8.65 37.33
N PHE A 61 22.36 9.78 36.91
CA PHE A 61 22.59 9.99 35.51
C PHE A 61 24.04 10.34 35.36
N PRO A 62 24.55 10.29 34.14
CA PRO A 62 25.99 10.50 33.97
C PRO A 62 26.53 11.87 34.34
N GLU A 63 27.70 11.88 34.93
CA GLU A 63 28.38 13.12 35.34
C GLU A 63 29.11 13.95 34.29
N LYS A 64 29.46 15.17 34.65
CA LYS A 64 30.15 16.11 33.76
C LYS A 64 29.44 16.52 32.52
N LYS A 65 30.12 16.50 31.39
CA LYS A 65 29.46 17.04 30.22
C LYS A 65 28.25 16.22 29.88
N GLY A 66 27.16 16.90 29.53
CA GLY A 66 25.94 16.23 29.20
C GLY A 66 25.29 15.85 30.49
N GLY A 67 25.88 16.32 31.59
CA GLY A 67 25.39 15.96 32.89
C GLY A 67 24.30 16.84 33.39
N LEU A 68 23.53 16.29 34.30
CA LEU A 68 22.40 17.01 34.81
C LEU A 68 22.91 18.22 35.53
N LYS A 69 23.98 18.07 36.28
CA LYS A 69 24.57 19.20 36.94
C LYS A 69 24.95 20.26 35.97
N GLU A 70 25.80 19.91 35.02
CA GLU A 70 26.15 20.89 33.99
C GLU A 70 24.91 21.40 33.25
N LEU A 71 24.00 20.50 32.86
CA LEU A 71 22.77 20.94 32.20
C LEU A 71 21.98 21.88 33.07
N TYR A 72 21.77 21.51 34.33
CA TYR A 72 21.03 22.38 35.23
C TYR A 72 21.75 23.71 35.41
N GLU A 73 23.08 23.67 35.45
CA GLU A 73 23.86 24.91 35.49
C GLU A 73 23.56 25.77 34.26
N LYS A 74 23.40 25.15 33.09
CA LYS A 74 23.08 25.94 31.91
C LYS A 74 21.65 26.46 31.95
N GLY A 75 20.74 25.77 32.63
CA GLY A 75 19.39 26.24 32.72
C GLY A 75 18.68 26.18 31.37
N PRO A 76 17.49 26.75 31.29
CA PRO A 76 16.70 27.40 32.34
C PRO A 76 16.16 26.40 33.35
N PRO A 77 16.23 26.75 34.63
CA PRO A 77 15.80 25.78 35.66
C PRO A 77 14.33 25.42 35.59
N ASN A 78 13.46 26.33 35.10
CA ASN A 78 12.04 25.99 35.01
C ASN A 78 11.75 24.98 33.90
N ALA A 79 12.78 24.38 33.30
CA ALA A 79 12.63 23.38 32.27
C ALA A 79 12.98 21.95 32.70
N PHE A 80 13.27 21.73 33.99
CA PHE A 80 13.84 20.46 34.47
C PHE A 80 12.81 19.71 35.30
N PHE A 81 12.45 18.51 34.88
CA PHE A 81 11.40 17.76 35.55
C PHE A 81 11.86 16.35 35.89
N LEU A 82 11.20 15.74 36.87
CA LEU A 82 11.45 14.37 37.22
C LEU A 82 10.11 13.65 37.20
N VAL A 83 10.00 12.58 36.43
CA VAL A 83 8.77 11.79 36.45
C VAL A 83 9.02 10.39 36.92
N LYS A 84 8.23 9.96 37.90
CA LYS A 84 8.35 8.62 38.41
C LYS A 84 7.37 7.77 37.74
N PHE A 85 7.86 6.72 37.15
CA PHE A 85 6.98 5.83 36.40
C PHE A 85 6.71 4.55 37.17
N TRP A 86 5.42 4.16 37.24
CA TRP A 86 5.02 2.83 37.68
C TRP A 86 4.68 2.01 36.43
N ALA A 87 5.55 1.06 36.09
CA ALA A 87 5.42 0.33 34.83
C ALA A 87 4.44 -0.83 34.94
N ASP A 88 3.70 -1.06 33.87
CA ASP A 88 2.77 -2.18 33.75
C ASP A 88 3.52 -3.30 33.04
N LEU A 89 3.96 -4.31 33.77
CA LEU A 89 4.71 -5.39 33.13
C LEU A 89 3.84 -6.61 32.86
N ASN A 90 2.56 -6.52 33.14
CA ASN A 90 1.62 -7.61 32.96
C ASN A 90 1.07 -7.51 31.54
N SER A 91 1.65 -8.29 30.61
CA SER A 91 1.10 -8.38 29.27
C SER A 91 0.49 -9.75 29.06
N THR A 92 -0.84 -9.76 28.92
CA THR A 92 -1.60 -10.92 28.48
C THR A 92 -1.25 -11.33 27.04
N ILE A 93 -0.67 -10.42 26.26
CA ILE A 93 -0.09 -10.74 24.95
C ILE A 93 1.02 -11.79 25.11
N GLY A 96 5.04 -12.50 21.27
CA GLY A 96 5.83 -13.45 20.51
C GLY A 96 6.81 -12.79 19.55
N PRO A 97 7.45 -13.59 18.71
CA PRO A 97 8.31 -13.01 17.66
C PRO A 97 7.49 -12.11 16.75
N GLY A 98 8.06 -10.97 16.38
CA GLY A 98 7.42 -10.05 15.46
C GLY A 98 6.61 -8.93 16.10
N ALA A 99 6.46 -8.93 17.43
CA ALA A 99 5.86 -7.79 18.10
C ALA A 99 6.72 -6.54 17.87
N PHE A 100 6.07 -5.38 17.79
CA PHE A 100 6.77 -4.11 17.63
C PHE A 100 6.90 -3.45 19.00
N TYR A 101 8.07 -2.91 19.29
CA TYR A 101 8.31 -2.19 20.51
C TYR A 101 8.61 -0.76 20.13
N GLY A 102 7.82 0.21 20.58
CA GLY A 102 7.96 1.57 20.14
C GLY A 102 7.77 2.55 21.28
N VAL A 103 8.06 3.81 20.98
CA VAL A 103 7.71 4.93 21.85
C VAL A 103 7.08 6.02 21.00
N SER A 104 5.93 6.51 21.44
CA SER A 104 5.21 7.60 20.79
C SER A 104 5.06 8.76 21.77
N SER A 105 5.19 9.98 21.27
CA SER A 105 5.16 11.14 22.14
C SER A 105 4.70 12.35 21.35
N GLN A 106 4.18 13.33 22.07
CA GLN A 106 3.82 14.63 21.50
C GLN A 106 4.34 15.75 22.40
N TYR A 107 4.81 16.81 21.78
CA TYR A 107 5.15 18.05 22.46
C TYR A 107 4.34 19.17 21.85
N SER A 108 4.28 20.31 22.53
CA SER A 108 3.62 21.48 21.98
C SER A 108 4.46 22.72 22.27
N SER A 109 4.14 23.80 21.59
CA SER A 109 4.95 25.00 21.68
C SER A 109 4.20 26.18 21.08
N ALA A 110 4.49 27.36 21.62
CA ALA A 110 4.00 28.58 21.01
C ALA A 110 4.87 29.01 19.84
N ASP A 111 6.09 28.51 19.78
CA ASP A 111 7.02 28.90 18.73
C ASP A 111 7.30 27.68 17.84
N SER A 112 7.58 27.93 16.58
CA SER A 112 7.89 26.86 15.66
C SER A 112 9.36 26.62 15.67
N MET A 113 9.74 25.38 15.79
CA MET A 113 11.15 25.04 15.91
C MET A 113 11.44 23.70 15.26
N THR A 114 12.72 23.37 15.20
CA THR A 114 13.17 22.03 14.90
C THR A 114 13.79 21.56 16.20
N ILE A 115 13.13 20.58 16.88
CA ILE A 115 13.63 20.02 18.13
C ILE A 115 14.47 18.78 17.85
N SER A 116 15.51 18.60 18.67
CA SER A 116 16.25 17.35 18.74
C SER A 116 16.10 16.78 20.14
N VAL A 117 15.71 15.51 20.19
CA VAL A 117 15.47 14.82 21.45
C VAL A 117 16.61 13.86 21.70
N SER A 118 17.22 13.97 22.87
CA SER A 118 18.24 13.04 23.33
C SER A 118 17.69 12.21 24.47
N THR A 119 17.81 10.90 24.35
CA THR A 119 17.35 9.99 25.39
C THR A 119 18.50 9.08 25.75
N LYS A 120 18.87 9.09 27.03
CA LYS A 120 20.00 8.31 27.53
C LYS A 120 19.47 7.29 28.53
N VAL A 121 19.57 6.01 28.17
CA VAL A 121 19.34 4.93 29.13
C VAL A 121 20.54 4.84 30.03
N CYS A 122 20.30 4.68 31.33
CA CYS A 122 21.36 4.70 32.33
C CYS A 122 21.24 3.55 33.31
N SER A 123 22.36 2.83 33.51
CA SER A 123 22.48 1.78 34.49
C SER A 123 23.52 2.17 35.53
N PHE A 124 23.12 2.16 36.80
CA PHE A 124 23.95 2.58 37.93
C PHE A 124 24.64 3.93 37.66
N GLY A 125 23.91 4.86 37.04
CA GLY A 125 24.39 6.19 36.71
C GLY A 125 25.29 6.25 35.51
N LYS A 126 25.51 5.13 34.83
CA LYS A 126 26.37 5.07 33.67
C LYS A 126 25.51 4.90 32.42
N GLN A 127 25.85 5.63 31.36
CA GLN A 127 25.05 5.62 30.15
C GLN A 127 25.27 4.32 29.37
N VAL A 128 24.16 3.63 29.06
CA VAL A 128 24.25 2.40 28.29
C VAL A 128 23.98 2.68 26.82
N VAL A 129 23.07 3.62 26.57
CA VAL A 129 22.65 3.96 25.24
C VAL A 129 22.07 5.35 25.07
N GLU A 130 22.40 6.06 24.00
CA GLU A 130 21.76 7.31 23.67
C GLU A 130 21.03 7.17 22.35
N LYS A 131 19.81 7.63 22.30
CA LYS A 131 19.10 7.77 21.03
C LYS A 131 18.81 9.24 20.82
N VAL A 132 18.99 9.70 19.58
CA VAL A 132 18.77 11.09 19.20
C VAL A 132 17.75 11.11 18.07
N GLU A 133 16.64 11.83 18.28
CA GLU A 133 15.56 11.96 17.31
C GLU A 133 15.32 13.43 16.98
N THR A 134 15.15 13.73 15.68
CA THR A 134 14.78 15.07 15.20
C THR A 134 13.29 15.07 14.83
N GLU A 135 12.55 16.10 15.31
CA GLU A 135 11.12 16.21 15.04
C GLU A 135 10.75 17.64 14.65
N TYR A 136 9.70 17.77 13.85
CA TYR A 136 9.39 19.02 13.16
C TYR A 136 8.02 19.54 13.57
N ALA A 137 7.90 20.86 13.58
CA ALA A 137 6.68 21.52 14.03
C ALA A 137 5.54 21.37 13.02
N ARG A 138 4.33 21.38 13.55
CA ARG A 138 3.17 21.31 12.71
C ARG A 138 2.15 22.23 13.37
N LEU A 139 1.41 23.00 12.58
CA LEU A 139 0.50 23.95 13.16
C LEU A 139 -0.84 23.41 13.56
N GLU A 140 -1.09 23.24 14.84
CA GLU A 140 -2.43 22.88 15.27
C GLU A 140 -3.06 23.73 16.34
N ASN A 141 -4.22 24.30 16.11
CA ASN A 141 -4.98 24.93 17.19
C ASN A 141 -4.35 25.96 18.12
N GLY A 142 -3.60 26.92 17.64
CA GLY A 142 -3.10 27.93 18.55
C GLY A 142 -1.79 27.58 19.11
N ARG A 143 -1.23 26.48 18.66
CA ARG A 143 0.10 26.06 19.06
C ARG A 143 0.71 25.33 17.88
N PHE A 144 1.98 25.00 18.01
CA PHE A 144 2.59 23.98 17.18
C PHE A 144 2.76 22.72 18.02
N VAL A 145 2.54 21.56 17.40
CA VAL A 145 2.79 20.28 18.04
C VAL A 145 3.92 19.56 17.32
N TYR A 146 4.64 18.73 18.06
CA TYR A 146 5.65 17.83 17.49
C TYR A 146 5.25 16.39 17.79
N ARG A 147 5.09 15.57 16.74
CA ARG A 147 4.59 14.20 16.90
C ARG A 147 5.68 13.20 16.53
N ILE A 148 6.09 12.39 17.50
CA ILE A 148 6.91 11.23 17.26
C ILE A 148 5.99 10.01 17.34
N HIS A 149 5.76 9.39 16.18
CA HIS A 149 4.95 8.18 16.08
C HIS A 149 5.84 6.95 16.00
N ARG A 150 5.59 6.01 16.91
CA ARG A 150 6.15 4.66 16.80
C ARG A 150 7.65 4.70 16.52
N SER A 151 8.37 5.52 17.28
CA SER A 151 9.81 5.47 17.24
C SER A 151 10.26 4.11 17.78
N PRO A 152 10.95 3.29 16.99
CA PRO A 152 11.30 1.94 17.45
C PRO A 152 12.20 1.96 18.66
N MET A 153 11.95 1.03 19.57
CA MET A 153 12.84 0.83 20.68
C MET A 153 14.11 0.11 20.22
N CYS A 154 15.21 0.42 20.89
CA CYS A 154 16.44 -0.24 20.55
C CYS A 154 16.53 -1.54 21.33
N GLU A 155 17.39 -2.41 20.85
CA GLU A 155 17.48 -3.72 21.44
C GLU A 155 17.81 -3.72 22.93
N TYR A 156 18.72 -2.85 23.35
CA TYR A 156 19.04 -2.84 24.76
C TYR A 156 17.78 -2.87 25.58
N MET A 157 16.80 -2.06 25.20
CA MET A 157 15.58 -1.95 25.99
C MET A 157 14.63 -3.12 25.79
N ILE A 158 14.51 -3.64 24.57
CA ILE A 158 13.71 -4.82 24.34
C ILE A 158 14.20 -5.97 25.22
N ASN A 159 15.53 -6.19 25.24
CA ASN A 159 16.11 -7.23 26.10
C ASN A 159 15.90 -6.92 27.56
N PHE A 160 16.04 -5.65 27.94
CA PHE A 160 15.78 -5.26 29.33
C PHE A 160 14.36 -5.61 29.74
N ILE A 161 13.37 -5.14 28.98
CA ILE A 161 11.98 -5.42 29.32
C ILE A 161 11.73 -6.93 29.42
N HIS A 162 12.20 -7.69 28.46
CA HIS A 162 11.92 -9.11 28.46
C HIS A 162 12.49 -9.77 29.66
N LYS A 163 13.78 -9.57 29.85
CA LYS A 163 14.45 -10.18 30.98
C LYS A 163 13.87 -9.68 32.29
N LEU A 164 13.59 -8.39 32.38
CA LEU A 164 12.91 -7.90 33.57
C LEU A 164 11.56 -8.58 33.74
N LYS A 165 10.80 -8.71 32.65
CA LYS A 165 9.51 -9.41 32.73
C LYS A 165 9.69 -10.82 33.27
N HIS A 166 10.83 -11.46 32.97
CA HIS A 166 11.05 -12.86 33.29
C HIS A 166 11.35 -13.09 34.79
N LEU A 167 11.58 -12.04 35.58
CA LEU A 167 11.86 -12.23 37.01
C LEU A 167 10.61 -12.76 37.72
N PRO A 168 10.78 -13.66 38.69
CA PRO A 168 9.61 -14.34 39.29
C PRO A 168 8.73 -13.41 40.10
N GLU A 169 9.30 -12.34 40.63
CA GLU A 169 8.66 -11.56 41.67
C GLU A 169 8.69 -10.08 41.31
N LYS A 170 7.65 -9.37 41.72
CA LYS A 170 7.63 -7.93 41.48
C LYS A 170 8.63 -7.19 42.38
N TYR A 171 8.94 -7.72 43.58
CA TYR A 171 9.91 -7.02 44.43
C TYR A 171 11.30 -7.04 43.80
N MET A 172 11.70 -8.17 43.17
CA MET A 172 12.99 -8.19 42.50
C MET A 172 13.04 -7.19 41.35
N MET A 173 11.98 -7.17 40.52
CA MET A 173 11.85 -6.16 39.46
C MET A 173 12.14 -4.76 39.99
N ASN A 174 11.59 -4.40 41.12
CA ASN A 174 11.79 -3.05 41.60
C ASN A 174 13.20 -2.80 42.04
N SER A 175 13.86 -3.82 42.57
CA SER A 175 15.24 -3.68 42.95
C SER A 175 16.13 -3.37 41.77
N VAL A 176 15.92 -4.04 40.65
CA VAL A 176 16.67 -3.73 39.47
C VAL A 176 16.40 -2.33 39.00
N LEU A 177 15.14 -1.93 39.05
CA LEU A 177 14.78 -0.64 38.53
C LEU A 177 15.30 0.48 39.40
N GLU A 178 15.64 0.15 40.63
CA GLU A 178 16.17 1.17 41.53
C GLU A 178 17.42 1.83 40.98
N ASN A 179 18.16 1.15 40.11
CA ASN A 179 19.36 1.71 39.50
C ASN A 179 19.25 1.79 37.97
N PHE A 180 18.03 1.83 37.46
CA PHE A 180 17.74 2.03 36.05
C PHE A 180 17.04 3.38 35.87
N THR A 181 17.59 4.25 35.03
CA THR A 181 17.01 5.58 34.81
C THR A 181 17.14 5.98 33.35
N ILE A 182 16.36 6.98 32.98
CA ILE A 182 16.41 7.51 31.63
C ILE A 182 16.42 9.03 31.71
N LEU A 183 17.32 9.65 30.98
CA LEU A 183 17.40 11.11 30.95
C LEU A 183 17.03 11.54 29.55
N GLN A 184 15.99 12.37 29.45
CA GLN A 184 15.55 12.96 28.18
C GLN A 184 15.93 14.42 28.15
N VAL A 185 16.58 14.85 27.08
CA VAL A 185 16.95 16.25 26.90
C VAL A 185 16.53 16.68 25.50
N VAL A 186 15.68 17.69 25.44
CA VAL A 186 15.15 18.23 24.19
C VAL A 186 15.80 19.59 23.97
N THR A 187 16.55 19.71 22.89
CA THR A 187 17.04 21.03 22.50
C THR A 187 16.41 21.46 21.18
N SER A 188 16.48 22.78 20.93
CA SER A 188 16.32 23.33 19.59
C SER A 188 17.51 22.88 18.74
N ARG A 189 17.23 22.22 17.60
CA ARG A 189 18.29 21.46 16.96
C ARG A 189 19.49 22.34 16.66
N ASP A 190 19.25 23.54 16.17
CA ASP A 190 20.35 24.35 15.66
C ASP A 190 21.05 25.10 16.79
N SER A 191 20.29 25.78 17.65
CA SER A 191 20.91 26.61 18.67
C SER A 191 21.41 25.81 19.87
N GLN A 192 20.91 24.60 20.07
CA GLN A 192 21.21 23.73 21.20
C GLN A 192 20.77 24.30 22.54
N GLU A 193 19.91 25.33 22.55
CA GLU A 193 19.29 25.76 23.79
C GLU A 193 18.40 24.66 24.38
N THR A 194 18.43 24.53 25.71
CA THR A 194 17.65 23.52 26.40
C THR A 194 16.19 23.95 26.47
N LEU A 195 15.29 23.10 25.94
CA LEU A 195 13.85 23.34 26.01
C LEU A 195 13.13 22.57 27.11
N LEU A 196 13.54 21.33 27.35
CA LEU A 196 12.83 20.46 28.28
C LEU A 196 13.79 19.36 28.70
N VAL A 197 13.95 19.17 30.00
CA VAL A 197 14.71 18.04 30.53
C VAL A 197 13.79 17.27 31.46
N ILE A 198 13.70 15.97 31.24
CA ILE A 198 12.97 15.08 32.12
C ILE A 198 13.89 13.97 32.55
N ALA A 199 13.99 13.76 33.85
CA ALA A 199 14.61 12.56 34.39
C ALA A 199 13.53 11.54 34.69
N PHE A 200 13.80 10.29 34.33
CA PHE A 200 12.85 9.20 34.43
C PHE A 200 13.38 8.16 35.41
N VAL A 201 12.68 8.02 36.52
CA VAL A 201 12.90 6.93 37.44
C VAL A 201 11.66 6.02 37.43
N PHE A 202 11.86 4.75 37.79
CA PHE A 202 10.89 3.71 37.48
C PHE A 202 10.62 2.81 38.68
N GLU A 203 9.41 2.24 38.70
CA GLU A 203 9.01 1.23 39.67
C GLU A 203 7.97 0.33 39.02
N VAL A 204 7.93 -0.92 39.44
CA VAL A 204 6.90 -1.82 38.91
C VAL A 204 5.60 -1.52 39.62
N SER A 205 4.50 -1.49 38.87
CA SER A 205 3.18 -1.34 39.49
C SER A 205 2.84 -2.62 40.25
N THR A 206 2.88 -2.60 41.57
CA THR A 206 2.63 -3.81 42.34
C THR A 206 1.17 -4.08 42.39
N SER A 207 0.38 -3.06 42.14
CA SER A 207 -1.05 -3.19 42.16
C SER A 207 -1.59 -4.14 41.11
N GLU A 208 -0.99 -4.15 39.92
CA GLU A 208 -1.52 -4.92 38.77
C GLU A 208 -2.52 -3.98 38.24
N HIS A 209 -2.60 -2.81 38.85
CA HIS A 209 -3.42 -1.76 38.33
C HIS A 209 -2.62 -1.29 37.15
N GLY A 210 -3.24 -0.57 36.26
CA GLY A 210 -2.55 -0.15 35.06
C GLY A 210 -1.49 0.84 35.40
N ALA A 211 -0.55 1.06 34.50
CA ALA A 211 0.58 1.90 34.80
C ALA A 211 0.27 3.32 35.17
N GLN A 212 1.02 3.82 36.15
CA GLN A 212 0.79 5.16 36.65
C GLN A 212 2.03 6.01 36.61
N HIS A 213 1.89 7.27 36.97
CA HIS A 213 3.07 8.11 37.01
C HIS A 213 2.83 9.30 37.92
N HIS A 214 3.91 9.97 38.26
CA HIS A 214 3.85 11.11 39.15
C HIS A 214 4.95 12.09 38.78
N VAL A 215 4.60 13.39 38.72
CA VAL A 215 5.50 14.42 38.22
C VAL A 215 6.03 15.26 39.38
N TYR A 216 7.32 15.60 39.32
CA TYR A 216 7.94 16.49 40.27
C TYR A 216 8.74 17.52 39.48
N LYS A 217 8.94 18.68 40.09
CA LYS A 217 9.78 19.72 39.53
C LYS A 217 11.14 19.63 40.21
N LEU A 218 12.21 19.65 39.42
CA LEU A 218 13.56 19.60 39.98
C LEU A 218 14.04 21.01 40.31
N VAL A 219 14.50 21.20 41.54
CA VAL A 219 14.94 22.51 42.00
C VAL A 219 16.40 22.41 42.45
N LYS A 220 16.98 23.58 42.75
CA LYS A 220 18.38 23.67 43.19
C LYS A 220 18.47 24.79 44.22
N ASP A 221 18.64 24.43 45.50
CA ASP A 221 18.81 25.43 46.56
C ASP A 221 20.26 25.56 46.97
N SER B 1 -4.42 -8.59 -10.81
CA SER B 1 -3.30 -8.11 -9.93
C SER B 1 -1.97 -7.71 -10.58
N GLN B 2 -1.45 -6.53 -10.26
CA GLN B 2 -0.29 -6.08 -11.01
C GLN B 2 0.52 -5.07 -10.22
N ASP B 3 1.31 -5.54 -9.27
CA ASP B 3 2.07 -4.66 -8.39
C ASP B 3 3.40 -4.32 -9.05
N ARG B 4 3.77 -3.03 -9.02
CA ARG B 4 4.99 -2.47 -9.60
C ARG B 4 5.34 -1.23 -8.81
N THR B 5 6.63 -0.87 -8.78
CA THR B 5 7.06 0.21 -7.90
C THR B 5 6.88 1.57 -8.55
N ILE B 6 6.46 2.55 -7.74
CA ILE B 6 6.14 3.89 -8.18
C ILE B 6 7.28 4.79 -7.71
N ALA B 7 8.25 5.07 -8.60
CA ALA B 7 9.29 6.05 -8.27
C ALA B 7 9.61 6.92 -9.49
N SER B 8 9.70 8.22 -9.27
CA SER B 8 10.27 9.13 -10.25
C SER B 8 11.78 9.16 -10.09
N SER B 9 12.44 10.12 -10.72
CA SER B 9 13.88 10.24 -10.50
C SER B 9 14.18 10.91 -9.18
N ARG B 10 13.19 11.51 -8.54
CA ARG B 10 13.39 12.28 -7.33
C ARG B 10 12.60 11.78 -6.14
N LEU B 11 11.55 11.00 -6.36
CA LEU B 11 10.74 10.51 -5.26
C LEU B 11 10.21 9.11 -5.42
N ARG B 12 10.19 8.35 -4.35
CA ARG B 12 9.66 7.00 -4.36
C ARG B 12 8.52 6.82 -3.37
N LEU B 13 7.44 6.19 -3.78
CA LEU B 13 6.40 5.90 -2.83
C LEU B 13 6.61 4.50 -2.30
N LEU B 14 6.57 4.36 -0.98
CA LEU B 14 6.81 3.07 -0.35
C LEU B 14 5.57 2.45 0.22
N GLU B 15 4.61 3.27 0.61
CA GLU B 15 3.42 2.75 1.25
C GLU B 15 2.29 3.72 1.03
N TYR B 16 1.10 3.17 0.78
CA TYR B 16 -0.15 3.91 0.74
C TYR B 16 -1.22 3.04 1.38
N SER B 17 -2.11 3.66 2.16
CA SER B 17 -3.22 2.94 2.77
C SER B 17 -4.28 3.93 3.19
N ALA B 18 -5.51 3.71 2.73
CA ALA B 18 -6.68 4.33 3.34
C ALA B 18 -7.43 3.24 4.11
N PHE B 19 -7.86 3.57 5.33
CA PHE B 19 -8.34 2.55 6.25
C PHE B 19 -9.35 3.14 7.23
N MET B 20 -10.09 2.23 7.85
CA MET B 20 -11.02 2.53 8.94
C MET B 20 -10.60 1.74 10.17
N GLU B 21 -10.38 2.43 11.29
CA GLU B 21 -9.90 1.80 12.52
C GLU B 21 -10.92 1.92 13.64
N VAL B 22 -11.08 0.86 14.40
CA VAL B 22 -12.13 0.80 15.42
C VAL B 22 -11.56 0.15 16.68
N GLN B 23 -11.59 0.90 17.78
CA GLN B 23 -11.16 0.33 19.05
C GLN B 23 -12.19 -0.70 19.52
N ARG B 24 -11.72 -1.90 19.82
CA ARG B 24 -12.57 -3.01 20.22
C ARG B 24 -12.65 -3.17 21.74
N ASP B 25 -11.53 -3.09 22.43
CA ASP B 25 -11.47 -3.04 23.89
C ASP B 25 -10.35 -2.05 24.21
N PRO B 26 -10.01 -1.78 25.48
CA PRO B 26 -8.91 -0.84 25.73
C PRO B 26 -7.57 -1.27 25.13
N ASP B 27 -7.41 -2.55 24.80
CA ASP B 27 -6.14 -3.06 24.31
C ASP B 27 -6.13 -3.32 22.81
N THR B 28 -7.28 -3.47 22.18
CA THR B 28 -7.32 -4.08 20.85
C THR B 28 -8.17 -3.24 19.91
N TYR B 29 -7.72 -3.14 18.66
CA TYR B 29 -8.47 -2.42 17.66
C TYR B 29 -8.41 -3.23 16.36
N SER B 30 -9.44 -3.05 15.55
CA SER B 30 -9.42 -3.50 14.17
C SER B 30 -9.00 -2.36 13.25
N LYS B 31 -8.25 -2.70 12.21
CA LYS B 31 -7.89 -1.78 11.14
C LYS B 31 -8.28 -2.47 9.84
N HIS B 32 -9.20 -1.85 9.10
CA HIS B 32 -9.65 -2.36 7.81
C HIS B 32 -9.07 -1.49 6.70
N LEU B 33 -8.40 -2.13 5.75
CA LEU B 33 -7.77 -1.45 4.64
C LEU B 33 -8.72 -1.43 3.44
N PHE B 34 -9.11 -0.22 3.02
CA PHE B 34 -9.91 -0.07 1.80
C PHE B 34 -9.06 -0.26 0.54
N VAL B 35 -7.93 0.47 0.47
CA VAL B 35 -6.98 0.36 -0.61
C VAL B 35 -5.60 0.33 0.03
N HIS B 36 -4.65 -0.33 -0.62
CA HIS B 36 -3.35 -0.47 0.02
C HIS B 36 -2.28 -0.76 -1.02
N ILE B 37 -1.11 -0.17 -0.79
CA ILE B 37 0.09 -0.34 -1.60
C ILE B 37 1.21 -0.51 -0.59
N GLY B 38 1.89 -1.64 -0.61
CA GLY B 38 3.01 -1.79 0.28
C GLY B 38 4.19 -2.58 -0.20
N GLN B 39 5.35 -2.36 0.39
CA GLN B 39 6.49 -3.17 0.07
C GLN B 39 6.89 -3.87 1.32
N THR B 40 7.01 -5.18 1.26
CA THR B 40 7.50 -5.94 2.40
C THR B 40 8.91 -5.53 2.70
N ASN B 41 9.70 -5.38 1.65
CA ASN B 41 11.06 -4.94 1.81
C ASN B 41 11.15 -4.07 0.62
N PRO B 42 12.20 -3.24 0.56
CA PRO B 42 12.16 -2.48 -0.66
C PRO B 42 12.33 -3.53 -1.70
N ALA B 43 11.47 -3.51 -2.70
CA ALA B 43 11.61 -4.44 -3.79
C ALA B 43 12.72 -3.92 -4.62
N PHE B 44 13.40 -4.79 -5.33
CA PHE B 44 14.38 -4.32 -6.27
C PHE B 44 13.41 -3.62 -7.15
N SER B 45 13.82 -2.53 -7.77
CA SER B 45 12.84 -1.78 -8.47
C SER B 45 12.20 -2.70 -9.47
N ASP B 46 10.88 -2.60 -9.57
CA ASP B 46 10.14 -3.42 -10.49
C ASP B 46 9.32 -2.38 -11.14
N PRO B 47 9.96 -1.58 -11.96
CA PRO B 47 9.22 -0.48 -12.54
C PRO B 47 8.05 -0.99 -13.35
N PRO B 48 7.02 -0.17 -13.54
CA PRO B 48 5.89 -0.60 -14.37
C PRO B 48 6.32 -0.90 -15.79
N LEU B 49 5.86 -2.03 -16.31
CA LEU B 49 6.07 -2.37 -17.71
C LEU B 49 4.81 -2.14 -18.53
N GLU B 50 3.75 -1.67 -17.90
CA GLU B 50 2.48 -1.44 -18.55
C GLU B 50 2.21 0.05 -18.58
N ALA B 51 1.74 0.57 -19.72
CA ALA B 51 1.57 2.00 -19.87
C ALA B 51 0.15 2.31 -20.30
N VAL B 52 -0.29 3.52 -19.93
CA VAL B 52 -1.49 4.16 -20.44
C VAL B 52 -1.11 5.52 -21.00
N ASP B 53 -1.70 5.89 -22.12
CA ASP B 53 -1.54 7.25 -22.63
C ASP B 53 -2.30 8.22 -21.74
N VAL B 54 -1.59 9.18 -21.15
CA VAL B 54 -2.23 10.11 -20.23
C VAL B 54 -3.35 10.89 -20.93
N ARG B 55 -3.20 11.13 -22.20
CA ARG B 55 -4.22 11.84 -22.92
C ARG B 55 -5.56 11.13 -22.81
N GLN B 56 -5.54 9.82 -22.69
CA GLN B 56 -6.79 9.09 -22.60
C GLN B 56 -7.42 9.13 -21.21
N ILE B 57 -6.82 9.82 -20.24
CA ILE B 57 -7.46 9.97 -18.95
C ILE B 57 -7.58 11.43 -18.55
N TYR B 58 -7.38 12.35 -19.50
CA TYR B 58 -7.55 13.78 -19.22
C TYR B 58 -8.97 14.12 -18.80
N ASP B 59 -9.96 13.38 -19.27
CA ASP B 59 -11.33 13.73 -18.95
C ASP B 59 -11.73 13.37 -17.53
N LYS B 60 -10.91 12.60 -16.81
CA LYS B 60 -11.27 12.15 -15.46
C LYS B 60 -10.71 13.03 -14.36
N PHE B 61 -9.98 14.07 -14.69
CA PHE B 61 -9.34 14.85 -13.68
C PHE B 61 -9.49 16.28 -14.03
N PRO B 62 -9.12 17.15 -13.10
CA PRO B 62 -9.40 18.54 -13.43
C PRO B 62 -8.62 19.07 -14.62
N GLU B 63 -9.31 19.76 -15.50
CA GLU B 63 -8.71 20.30 -16.72
C GLU B 63 -8.20 21.73 -16.63
N LYS B 64 -7.54 22.18 -17.68
CA LYS B 64 -6.98 23.54 -17.74
C LYS B 64 -5.96 23.86 -16.69
N LYS B 65 -6.11 24.99 -16.02
CA LYS B 65 -5.06 25.36 -15.11
C LYS B 65 -4.90 24.38 -14.00
N GLY B 66 -3.65 24.01 -13.72
CA GLY B 66 -3.37 23.09 -12.65
C GLY B 66 -3.79 21.70 -13.02
N GLY B 67 -4.05 21.49 -14.29
CA GLY B 67 -4.57 20.21 -14.69
C GLY B 67 -3.53 19.21 -15.06
N LEU B 68 -4.00 18.00 -15.32
CA LEU B 68 -3.08 16.95 -15.70
C LEU B 68 -2.32 17.33 -16.97
N LYS B 69 -3.05 17.72 -18.02
CA LYS B 69 -2.42 17.92 -19.32
C LYS B 69 -1.29 18.92 -19.23
N GLU B 70 -1.53 20.03 -18.53
CA GLU B 70 -0.49 21.04 -18.29
C GLU B 70 0.64 20.48 -17.42
N LEU B 71 0.27 19.76 -16.34
CA LEU B 71 1.26 19.17 -15.45
C LEU B 71 2.20 18.22 -16.19
N TYR B 72 1.64 17.35 -17.03
CA TYR B 72 2.48 16.49 -17.85
C TYR B 72 3.33 17.29 -18.82
N GLU B 73 2.80 18.42 -19.31
CA GLU B 73 3.58 19.24 -20.22
C GLU B 73 4.76 19.88 -19.50
N LYS B 74 4.55 20.34 -18.27
CA LYS B 74 5.68 20.75 -17.43
C LYS B 74 6.57 19.56 -17.06
N GLY B 75 6.02 18.38 -16.95
CA GLY B 75 6.86 17.28 -16.56
C GLY B 75 7.31 17.41 -15.15
N PRO B 76 8.28 16.59 -14.75
CA PRO B 76 8.95 15.61 -15.58
C PRO B 76 8.09 14.38 -15.92
N PRO B 77 8.26 13.81 -17.10
CA PRO B 77 7.46 12.67 -17.56
C PRO B 77 7.61 11.40 -16.71
N ASN B 78 8.78 11.10 -16.22
CA ASN B 78 9.05 9.90 -15.42
C ASN B 78 8.20 9.91 -14.16
N ALA B 79 7.89 11.06 -13.64
CA ALA B 79 7.05 11.20 -12.45
C ALA B 79 5.60 10.69 -12.53
N PHE B 80 4.91 10.86 -13.64
CA PHE B 80 3.47 10.50 -13.74
C PHE B 80 3.11 9.01 -13.76
N PHE B 81 2.20 8.60 -12.90
CA PHE B 81 1.84 7.20 -12.73
C PHE B 81 0.33 7.06 -12.59
N LEU B 82 -0.21 5.93 -13.05
CA LEU B 82 -1.64 5.67 -12.91
C LEU B 82 -1.86 4.40 -12.09
N VAL B 83 -2.60 4.51 -10.99
CA VAL B 83 -2.87 3.38 -10.11
C VAL B 83 -4.37 3.14 -10.09
N LYS B 84 -4.79 1.91 -10.40
CA LYS B 84 -6.20 1.48 -10.27
C LYS B 84 -6.35 0.60 -9.03
N PHE B 85 -7.26 0.98 -8.14
CA PHE B 85 -7.55 0.26 -6.90
C PHE B 85 -8.84 -0.54 -7.05
N TRP B 86 -8.87 -1.74 -6.49
CA TRP B 86 -10.09 -2.53 -6.36
C TRP B 86 -10.41 -2.53 -4.87
N ALA B 87 -11.33 -1.68 -4.45
CA ALA B 87 -11.50 -1.38 -3.03
C ALA B 87 -12.18 -2.52 -2.29
N ASP B 88 -11.72 -2.77 -1.06
CA ASP B 88 -12.32 -3.73 -0.15
C ASP B 88 -13.35 -2.97 0.69
N LEU B 89 -14.62 -3.05 0.31
CA LEU B 89 -15.70 -2.34 0.99
C LEU B 89 -16.40 -3.22 2.02
N ASN B 90 -15.88 -4.41 2.25
CA ASN B 90 -16.48 -5.40 3.13
C ASN B 90 -15.83 -5.28 4.50
N SER B 91 -16.54 -4.74 5.46
CA SER B 91 -16.04 -4.75 6.82
C SER B 91 -16.89 -5.74 7.60
N THR B 92 -16.29 -6.85 8.03
CA THR B 92 -16.91 -7.67 9.06
C THR B 92 -17.21 -6.83 10.29
N ILE B 93 -16.29 -5.95 10.65
CA ILE B 93 -16.48 -5.05 11.78
C ILE B 93 -17.44 -3.93 11.38
N GLN B 94 -18.52 -3.78 12.14
CA GLN B 94 -19.37 -2.59 12.01
C GLN B 94 -18.62 -1.36 12.50
N GLU B 95 -18.96 -0.20 11.93
CA GLU B 95 -18.24 1.01 12.29
C GLU B 95 -18.60 1.49 13.69
N GLY B 96 -19.88 1.39 14.08
CA GLY B 96 -20.32 1.80 15.41
C GLY B 96 -20.17 3.29 15.65
N PRO B 97 -20.09 3.71 16.91
CA PRO B 97 -19.59 5.06 17.20
C PRO B 97 -18.09 5.09 16.97
N GLY B 98 -17.54 6.31 16.97
CA GLY B 98 -16.09 6.46 17.11
C GLY B 98 -15.23 5.50 16.31
N ALA B 99 -15.59 5.27 15.05
CA ALA B 99 -14.62 4.75 14.08
C ALA B 99 -13.73 5.88 13.58
N PHE B 100 -12.50 5.54 13.18
CA PHE B 100 -11.53 6.50 12.66
C PHE B 100 -11.21 6.16 11.22
N TYR B 101 -11.51 7.08 10.31
CA TYR B 101 -11.21 6.95 8.89
C TYR B 101 -9.93 7.74 8.59
N GLY B 102 -8.93 7.08 8.02
CA GLY B 102 -7.67 7.77 7.83
C GLY B 102 -6.83 7.24 6.69
N VAL B 103 -5.73 7.95 6.41
CA VAL B 103 -4.80 7.63 5.33
C VAL B 103 -3.36 7.73 5.84
N SER B 104 -2.55 6.72 5.53
CA SER B 104 -1.14 6.71 5.89
C SER B 104 -0.32 6.47 4.63
N SER B 105 0.69 7.33 4.38
CA SER B 105 1.58 7.09 3.26
C SER B 105 3.03 7.37 3.65
N GLN B 106 3.95 6.74 2.92
CA GLN B 106 5.40 6.81 3.12
C GLN B 106 6.10 7.03 1.78
N TYR B 107 7.14 7.89 1.79
CA TYR B 107 7.90 8.27 0.58
C TYR B 107 9.40 8.32 0.89
N SER B 108 10.21 8.22 -0.16
CA SER B 108 11.64 8.25 0.04
C SER B 108 12.34 8.93 -1.13
N SER B 109 13.47 9.58 -0.85
CA SER B 109 14.36 10.16 -1.85
C SER B 109 15.79 10.13 -1.34
N ALA B 110 16.73 10.11 -2.28
CA ALA B 110 18.13 10.27 -1.90
C ALA B 110 18.39 11.67 -1.37
N ASP B 111 17.56 12.61 -1.79
CA ASP B 111 17.66 14.03 -1.50
C ASP B 111 16.94 14.35 -0.21
N SER B 112 17.32 15.47 0.40
CA SER B 112 16.56 16.04 1.51
C SER B 112 15.71 17.17 0.96
N MET B 113 14.39 17.06 1.10
CA MET B 113 13.48 18.13 0.71
C MET B 113 12.44 18.36 1.80
N THR B 114 11.64 19.41 1.58
CA THR B 114 10.34 19.58 2.23
C THR B 114 9.29 19.37 1.14
N ILE B 115 8.48 18.32 1.26
CA ILE B 115 7.54 17.99 0.18
C ILE B 115 6.14 18.52 0.49
N SER B 116 5.39 18.76 -0.58
CA SER B 116 4.01 19.23 -0.51
C SER B 116 3.13 18.28 -1.31
N VAL B 117 2.10 17.74 -0.66
CA VAL B 117 1.26 16.71 -1.25
C VAL B 117 -0.13 17.30 -1.48
N SER B 118 -0.57 17.29 -2.73
CA SER B 118 -1.88 17.77 -3.12
C SER B 118 -2.74 16.57 -3.47
N THR B 119 -3.89 16.47 -2.83
CA THR B 119 -4.83 15.39 -3.10
C THR B 119 -6.14 16.03 -3.55
N LYS B 120 -6.44 15.92 -4.84
CA LYS B 120 -7.64 16.50 -5.40
C LYS B 120 -8.62 15.37 -5.61
N VAL B 121 -9.65 15.31 -4.77
CA VAL B 121 -10.75 14.37 -4.97
C VAL B 121 -11.66 14.95 -6.04
N CYS B 122 -12.07 14.11 -7.00
CA CYS B 122 -12.85 14.56 -8.13
C CYS B 122 -14.07 13.68 -8.33
N SER B 123 -15.18 14.31 -8.71
CA SER B 123 -16.34 13.62 -9.21
C SER B 123 -16.60 14.08 -10.64
N PHE B 124 -16.77 13.12 -11.56
CA PHE B 124 -16.95 13.39 -12.99
C PHE B 124 -15.90 14.37 -13.50
N GLY B 125 -14.68 14.19 -13.01
CA GLY B 125 -13.54 14.97 -13.46
C GLY B 125 -13.45 16.38 -12.92
N LYS B 126 -14.31 16.79 -11.99
CA LYS B 126 -14.26 18.11 -11.38
C LYS B 126 -13.89 17.98 -9.91
N GLN B 127 -13.21 19.00 -9.38
CA GLN B 127 -12.57 18.93 -8.06
C GLN B 127 -13.59 19.19 -6.95
N VAL B 128 -14.00 18.14 -6.24
CA VAL B 128 -14.90 18.35 -5.10
C VAL B 128 -14.11 18.79 -3.87
N VAL B 129 -12.94 18.21 -3.65
CA VAL B 129 -12.17 18.43 -2.44
C VAL B 129 -10.70 18.59 -2.78
N GLU B 130 -10.00 19.41 -2.01
CA GLU B 130 -8.54 19.39 -2.06
C GLU B 130 -7.98 19.52 -0.65
N LYS B 131 -7.01 18.67 -0.32
CA LYS B 131 -6.28 18.73 0.94
C LYS B 131 -4.81 18.86 0.60
N VAL B 132 -4.08 19.67 1.35
CA VAL B 132 -2.67 19.95 1.05
C VAL B 132 -1.85 19.75 2.31
N GLU B 133 -0.80 18.94 2.22
CA GLU B 133 -0.04 18.49 3.38
C GLU B 133 1.45 18.81 3.20
N THR B 134 2.11 19.15 4.29
CA THR B 134 3.54 19.41 4.30
C THR B 134 4.24 18.34 5.11
N GLU B 135 5.20 17.66 4.51
CA GLU B 135 5.92 16.61 5.21
C GLU B 135 7.40 16.86 5.14
N TYR B 136 8.13 16.40 6.15
CA TYR B 136 9.54 16.74 6.28
C TYR B 136 10.40 15.49 6.20
N ALA B 137 11.64 15.71 5.74
CA ALA B 137 12.57 14.62 5.48
C ALA B 137 13.20 14.13 6.78
N ARG B 138 13.36 12.81 6.89
CA ARG B 138 14.03 12.20 8.02
C ARG B 138 15.08 11.27 7.45
N LEU B 139 16.35 11.49 7.79
CA LEU B 139 17.39 10.62 7.27
C LEU B 139 17.36 9.28 8.00
N GLU B 140 17.06 8.20 7.29
CA GLU B 140 17.02 6.86 7.89
C GLU B 140 17.74 5.88 6.97
N ASN B 141 18.86 5.35 7.43
CA ASN B 141 19.59 4.34 6.69
C ASN B 141 20.04 4.88 5.33
N GLY B 142 20.51 6.12 5.32
CA GLY B 142 21.07 6.69 4.11
C GLY B 142 20.07 7.14 3.07
N ARG B 143 18.79 6.83 3.23
CA ARG B 143 17.74 7.44 2.42
C ARG B 143 17.03 8.48 3.27
N PHE B 144 16.31 9.38 2.61
CA PHE B 144 15.47 10.35 3.28
C PHE B 144 14.02 9.90 3.17
N VAL B 145 13.38 9.64 4.30
CA VAL B 145 12.01 9.16 4.37
C VAL B 145 11.08 10.32 4.67
N TYR B 146 9.83 10.17 4.23
CA TYR B 146 8.77 11.10 4.56
C TYR B 146 7.58 10.26 4.99
N ARG B 147 7.04 10.50 6.20
CA ARG B 147 5.95 9.71 6.74
C ARG B 147 4.73 10.60 6.98
N ILE B 148 3.60 10.24 6.36
CA ILE B 148 2.33 10.84 6.72
C ILE B 148 1.57 9.81 7.51
N HIS B 149 1.70 9.87 8.83
CA HIS B 149 1.13 8.87 9.72
C HIS B 149 -0.30 9.26 10.06
N ARG B 150 -1.22 8.31 9.91
CA ARG B 150 -2.60 8.53 10.31
C ARG B 150 -3.20 9.87 9.98
N SER B 151 -3.23 10.20 8.70
CA SER B 151 -3.87 11.44 8.27
C SER B 151 -5.40 11.25 8.24
N PRO B 152 -6.16 12.06 8.95
CA PRO B 152 -7.57 11.74 9.14
C PRO B 152 -8.39 12.18 7.94
N MET B 153 -9.39 11.39 7.63
CA MET B 153 -10.11 11.56 6.39
C MET B 153 -11.05 12.76 6.51
N CYS B 154 -11.19 13.51 5.41
CA CYS B 154 -12.12 14.62 5.36
C CYS B 154 -13.55 14.11 5.22
N GLU B 155 -14.52 14.97 5.58
CA GLU B 155 -15.91 14.53 5.70
C GLU B 155 -16.47 13.99 4.39
N TYR B 156 -16.10 14.62 3.26
CA TYR B 156 -16.58 14.18 1.96
C TYR B 156 -16.32 12.70 1.75
N MET B 157 -15.11 12.26 2.08
CA MET B 157 -14.74 10.87 1.91
C MET B 157 -15.44 9.97 2.90
N ILE B 158 -15.57 10.41 4.15
CA ILE B 158 -16.21 9.57 5.15
C ILE B 158 -17.65 9.30 4.74
N ASN B 159 -18.35 10.34 4.29
CA ASN B 159 -19.71 10.21 3.78
C ASN B 159 -19.76 9.42 2.47
N PHE B 160 -18.81 9.66 1.56
CA PHE B 160 -18.76 8.89 0.32
C PHE B 160 -18.64 7.40 0.62
N ILE B 161 -17.74 7.04 1.54
CA ILE B 161 -17.60 5.65 1.93
C ILE B 161 -18.87 5.17 2.60
N HIS B 162 -19.48 6.02 3.45
CA HIS B 162 -20.74 5.66 4.10
C HIS B 162 -21.87 5.45 3.08
N LYS B 163 -21.92 6.26 2.01
CA LYS B 163 -22.97 6.07 1.01
C LYS B 163 -22.74 4.83 0.17
N LEU B 164 -21.50 4.61 -0.27
CA LEU B 164 -21.17 3.42 -1.04
C LEU B 164 -21.55 2.16 -0.29
N LYS B 165 -21.02 2.01 0.93
CA LYS B 165 -21.28 0.84 1.77
C LYS B 165 -22.76 0.50 1.87
N HIS B 166 -23.65 1.47 1.66
CA HIS B 166 -25.08 1.28 1.88
C HIS B 166 -25.82 0.81 0.63
N LEU B 167 -25.23 0.95 -0.54
CA LEU B 167 -25.92 0.53 -1.75
C LEU B 167 -26.21 -0.97 -1.70
N PRO B 168 -27.41 -1.39 -2.15
CA PRO B 168 -27.76 -2.82 -2.14
C PRO B 168 -26.81 -3.76 -2.87
N GLU B 169 -26.21 -3.34 -3.96
CA GLU B 169 -25.49 -4.28 -4.83
C GLU B 169 -24.14 -3.72 -5.23
N LYS B 170 -23.20 -4.63 -5.49
CA LYS B 170 -21.84 -4.22 -5.79
C LYS B 170 -21.76 -3.50 -7.12
N TYR B 171 -22.61 -3.87 -8.09
CA TYR B 171 -22.51 -3.24 -9.40
C TYR B 171 -22.86 -1.77 -9.33
N MET B 172 -23.78 -1.41 -8.42
CA MET B 172 -24.05 0.00 -8.12
C MET B 172 -22.82 0.68 -7.54
N MET B 173 -22.13 0.00 -6.62
CA MET B 173 -20.90 0.53 -6.02
C MET B 173 -19.83 0.75 -7.08
N ASN B 174 -19.67 -0.21 -8.00
CA ASN B 174 -18.70 -0.03 -9.07
C ASN B 174 -19.01 1.23 -9.86
N SER B 175 -20.29 1.43 -10.18
CA SER B 175 -20.72 2.58 -10.97
C SER B 175 -20.38 3.89 -10.27
N VAL B 176 -20.75 4.02 -8.99
CA VAL B 176 -20.41 5.24 -8.27
C VAL B 176 -18.91 5.45 -8.31
N LEU B 177 -18.13 4.36 -8.18
CA LEU B 177 -16.68 4.49 -8.21
C LEU B 177 -16.13 4.81 -9.60
N GLU B 178 -16.87 4.46 -10.66
CA GLU B 178 -16.34 4.62 -12.00
C GLU B 178 -16.13 6.10 -12.37
N ASN B 179 -16.79 7.04 -11.69
CA ASN B 179 -16.59 8.46 -11.93
C ASN B 179 -15.91 9.18 -10.78
N PHE B 180 -15.31 8.43 -9.86
CA PHE B 180 -14.61 8.97 -8.72
C PHE B 180 -13.12 8.76 -8.95
N THR B 181 -12.33 9.83 -8.81
CA THR B 181 -10.91 9.76 -9.10
C THR B 181 -10.15 10.69 -8.18
N ILE B 182 -8.90 10.33 -7.89
CA ILE B 182 -7.99 11.17 -7.11
C ILE B 182 -6.74 11.43 -7.90
N LEU B 183 -6.30 12.68 -7.87
CA LEU B 183 -5.01 13.08 -8.39
C LEU B 183 -4.16 13.46 -7.20
N GLN B 184 -3.06 12.74 -7.01
CA GLN B 184 -2.02 13.16 -6.12
C GLN B 184 -0.85 13.72 -6.93
N VAL B 185 -0.48 14.96 -6.62
CA VAL B 185 0.72 15.61 -7.14
C VAL B 185 1.56 15.96 -5.94
N VAL B 186 2.77 15.43 -5.88
CA VAL B 186 3.74 15.77 -4.85
C VAL B 186 4.79 16.67 -5.49
N THR B 187 5.11 17.79 -4.82
CA THR B 187 6.12 18.73 -5.26
C THR B 187 7.05 19.11 -4.10
N SER B 188 8.28 19.50 -4.46
CA SER B 188 9.15 20.18 -3.51
C SER B 188 8.59 21.57 -3.21
N ARG B 189 8.51 21.94 -1.94
CA ARG B 189 7.92 23.21 -1.61
C ARG B 189 8.64 24.38 -2.25
N ASP B 190 9.90 24.56 -1.92
CA ASP B 190 10.63 25.62 -2.59
C ASP B 190 10.86 25.51 -4.10
N SER B 191 11.22 24.34 -4.62
CA SER B 191 11.39 24.15 -6.06
C SER B 191 10.10 24.32 -6.80
N GLN B 192 9.03 23.81 -6.24
CA GLN B 192 7.74 23.80 -6.92
C GLN B 192 7.85 22.80 -8.06
N GLU B 193 8.98 22.12 -8.15
CA GLU B 193 9.16 21.10 -9.18
C GLU B 193 8.29 19.89 -8.87
N THR B 194 7.73 19.30 -9.91
CA THR B 194 6.93 18.09 -9.73
C THR B 194 7.85 16.91 -9.44
N LEU B 195 7.59 16.22 -8.33
CA LEU B 195 8.39 15.06 -7.94
C LEU B 195 7.67 13.75 -8.19
N LEU B 196 6.34 13.76 -8.14
CA LEU B 196 5.53 12.54 -8.29
C LEU B 196 4.08 12.89 -8.55
N VAL B 197 3.50 12.37 -9.63
CA VAL B 197 2.06 12.48 -9.87
C VAL B 197 1.49 11.06 -9.96
N ILE B 198 0.50 10.76 -9.14
CA ILE B 198 -0.25 9.52 -9.26
C ILE B 198 -1.71 9.87 -9.53
N ALA B 199 -2.28 9.32 -10.60
CA ALA B 199 -3.71 9.41 -10.86
C ALA B 199 -4.39 8.12 -10.41
N PHE B 200 -5.35 8.22 -9.48
CA PHE B 200 -6.04 7.05 -8.93
C PHE B 200 -7.43 6.90 -9.53
N VAL B 201 -7.74 5.69 -9.97
CA VAL B 201 -9.08 5.31 -10.41
C VAL B 201 -9.48 4.06 -9.64
N PHE B 202 -10.79 3.83 -9.47
CA PHE B 202 -11.26 2.86 -8.48
C PHE B 202 -12.34 1.93 -9.03
N GLU B 203 -12.45 0.77 -8.39
CA GLU B 203 -13.57 -0.16 -8.52
C GLU B 203 -13.71 -0.89 -7.19
N VAL B 204 -14.79 -1.68 -7.04
CA VAL B 204 -14.96 -2.47 -5.82
C VAL B 204 -14.37 -3.86 -6.04
N SER B 205 -13.83 -4.45 -4.99
CA SER B 205 -13.38 -5.83 -5.10
C SER B 205 -14.56 -6.81 -5.13
N THR B 206 -14.58 -7.69 -6.13
CA THR B 206 -15.55 -8.78 -6.13
C THR B 206 -15.20 -9.79 -5.04
N SER B 207 -13.90 -10.03 -4.84
CA SER B 207 -13.42 -11.05 -3.93
C SER B 207 -13.41 -10.56 -2.48
N GLU B 208 -13.76 -11.46 -1.55
CA GLU B 208 -13.83 -11.14 -0.12
C GLU B 208 -12.47 -11.21 0.59
N HIS B 209 -11.42 -11.68 -0.10
CA HIS B 209 -10.09 -11.78 0.50
C HIS B 209 -9.47 -10.40 0.77
N GLY B 210 -9.67 -9.45 -0.14
CA GLY B 210 -9.20 -8.09 0.12
C GLY B 210 -9.06 -7.30 -1.19
N ALA B 211 -8.31 -6.21 -1.09
CA ALA B 211 -8.13 -5.29 -2.22
C ALA B 211 -7.00 -5.75 -3.14
N GLN B 212 -7.19 -5.49 -4.44
CA GLN B 212 -6.16 -5.64 -5.45
C GLN B 212 -5.84 -4.28 -6.10
N HIS B 213 -4.69 -4.18 -6.77
CA HIS B 213 -4.42 -2.98 -7.58
C HIS B 213 -3.55 -3.33 -8.79
N HIS B 214 -3.68 -2.51 -9.83
CA HIS B 214 -2.86 -2.55 -11.03
C HIS B 214 -2.09 -1.20 -11.10
N VAL B 215 -0.78 -1.24 -11.39
CA VAL B 215 0.04 -0.01 -11.50
C VAL B 215 0.52 0.19 -12.94
N TYR B 216 0.31 1.39 -13.48
CA TYR B 216 0.72 1.70 -14.83
C TYR B 216 1.60 2.96 -14.84
N LYS B 217 2.48 3.03 -15.83
CA LYS B 217 3.21 4.27 -16.12
C LYS B 217 2.42 5.09 -17.14
N LEU B 218 2.19 6.37 -16.83
CA LEU B 218 1.46 7.25 -17.75
C LEU B 218 2.40 7.80 -18.82
N VAL B 219 2.06 7.58 -20.08
CA VAL B 219 2.91 7.93 -21.21
C VAL B 219 2.19 8.94 -22.11
N LYS B 220 2.98 9.62 -22.94
CA LYS B 220 2.44 10.44 -24.03
C LYS B 220 3.15 9.98 -25.30
N ASP B 221 2.76 8.81 -25.80
CA ASP B 221 3.41 8.10 -26.91
C ASP B 221 4.93 8.29 -26.93
N SER C 1 -8.59 -7.34 -12.55
CA SER C 1 -9.40 -7.70 -13.74
C SER C 1 -9.90 -6.58 -14.70
N GLN C 2 -9.58 -6.68 -16.02
CA GLN C 2 -9.93 -5.66 -17.00
C GLN C 2 -10.34 -6.30 -18.33
N ASP C 3 -11.63 -6.21 -18.67
CA ASP C 3 -12.16 -6.88 -19.86
C ASP C 3 -12.27 -5.86 -20.97
N ARG C 4 -11.24 -5.79 -21.79
CA ARG C 4 -11.19 -4.87 -22.92
C ARG C 4 -11.54 -5.61 -24.20
N THR C 5 -12.03 -4.86 -25.16
CA THR C 5 -12.41 -5.45 -26.41
C THR C 5 -11.15 -5.71 -27.20
N ILE C 6 -11.08 -6.87 -27.82
CA ILE C 6 -9.96 -7.16 -28.67
C ILE C 6 -10.46 -7.09 -30.06
N ALA C 7 -9.88 -6.21 -30.83
CA ALA C 7 -10.29 -6.06 -32.19
C ALA C 7 -9.20 -5.54 -33.12
N SER C 8 -9.33 -5.80 -34.40
CA SER C 8 -8.36 -5.42 -35.39
C SER C 8 -9.26 -4.78 -36.37
N SER C 9 -8.75 -4.00 -37.29
CA SER C 9 -9.69 -3.36 -38.18
C SER C 9 -10.46 -4.44 -38.92
N ARG C 10 -9.79 -5.48 -39.37
CA ARG C 10 -10.43 -6.64 -39.98
C ARG C 10 -11.34 -7.55 -39.12
N LEU C 11 -10.94 -7.85 -37.89
CA LEU C 11 -11.68 -8.81 -37.07
C LEU C 11 -11.82 -8.52 -35.58
N ARG C 12 -12.89 -9.01 -34.97
CA ARG C 12 -13.15 -8.79 -33.55
C ARG C 12 -13.26 -10.15 -32.87
N LEU C 13 -12.68 -10.26 -31.67
CA LEU C 13 -12.88 -11.46 -30.84
C LEU C 13 -14.06 -11.22 -29.92
N LEU C 14 -15.17 -11.92 -30.16
CA LEU C 14 -16.31 -11.81 -29.26
C LEU C 14 -16.15 -12.71 -28.02
N GLU C 15 -15.76 -13.98 -28.21
CA GLU C 15 -15.64 -14.89 -27.06
C GLU C 15 -14.54 -15.93 -27.27
N TYR C 16 -13.96 -16.36 -26.16
CA TYR C 16 -12.97 -17.43 -26.11
C TYR C 16 -13.10 -18.10 -24.74
N SER C 17 -13.46 -19.38 -24.70
CA SER C 17 -13.60 -20.08 -23.41
C SER C 17 -12.90 -21.41 -23.46
N ALA C 18 -12.16 -21.75 -22.42
CA ALA C 18 -11.69 -23.11 -22.22
C ALA C 18 -12.45 -23.67 -21.03
N PHE C 19 -12.98 -24.89 -21.16
CA PHE C 19 -13.89 -25.35 -20.14
C PHE C 19 -13.92 -26.86 -20.11
N MET C 20 -14.43 -27.37 -18.99
CA MET C 20 -14.84 -28.75 -18.87
C MET C 20 -16.30 -28.78 -18.43
N GLU C 21 -17.09 -29.61 -19.09
CA GLU C 21 -18.46 -29.90 -18.68
C GLU C 21 -18.47 -31.33 -18.14
N VAL C 22 -19.04 -31.50 -16.97
CA VAL C 22 -19.23 -32.82 -16.37
C VAL C 22 -20.71 -32.95 -16.08
N GLN C 23 -21.23 -34.16 -16.21
CA GLN C 23 -22.60 -34.46 -15.82
C GLN C 23 -22.60 -35.33 -14.56
N ASP C 27 -28.75 -35.91 -14.83
CA ASP C 27 -29.83 -34.93 -14.65
C ASP C 27 -29.30 -33.56 -14.31
N THR C 28 -28.07 -33.54 -13.82
CA THR C 28 -27.43 -32.31 -13.39
C THR C 28 -26.16 -32.11 -14.22
N TYR C 29 -26.07 -30.94 -14.85
CA TYR C 29 -24.98 -30.62 -15.76
C TYR C 29 -24.29 -29.34 -15.31
N SER C 30 -22.97 -29.36 -15.25
CA SER C 30 -22.23 -28.19 -14.81
C SER C 30 -21.14 -27.83 -15.80
N LYS C 31 -20.75 -26.57 -15.78
CA LYS C 31 -19.74 -26.07 -16.68
C LYS C 31 -18.72 -25.30 -15.86
N HIS C 32 -17.47 -25.72 -15.89
CA HIS C 32 -16.41 -24.99 -15.21
C HIS C 32 -15.54 -24.28 -16.25
N LEU C 33 -15.45 -22.97 -16.12
CA LEU C 33 -14.62 -22.18 -17.03
C LEU C 33 -13.21 -22.13 -16.48
N PHE C 34 -12.25 -22.71 -17.21
CA PHE C 34 -10.86 -22.53 -16.85
C PHE C 34 -10.42 -21.10 -17.12
N VAL C 35 -10.60 -20.64 -18.36
CA VAL C 35 -10.40 -19.23 -18.72
C VAL C 35 -11.55 -18.82 -19.64
N HIS C 36 -11.91 -17.52 -19.58
CA HIS C 36 -13.04 -17.02 -20.36
C HIS C 36 -12.92 -15.55 -20.75
N ILE C 37 -13.09 -15.26 -22.04
CA ILE C 37 -13.34 -13.91 -22.51
C ILE C 37 -14.70 -13.89 -23.17
N GLY C 38 -15.57 -13.01 -22.71
CA GLY C 38 -16.86 -12.85 -23.36
C GLY C 38 -17.28 -11.41 -23.24
N GLN C 39 -18.28 -11.03 -24.03
CA GLN C 39 -18.91 -9.72 -23.85
C GLN C 39 -20.41 -9.88 -23.89
N THR C 40 -21.09 -9.01 -23.12
CA THR C 40 -22.54 -9.08 -22.99
C THR C 40 -23.24 -8.54 -24.23
N ASN C 41 -22.62 -7.61 -24.97
CA ASN C 41 -23.20 -7.07 -26.21
C ASN C 41 -22.19 -6.96 -27.37
N PRO C 42 -22.58 -7.37 -28.58
CA PRO C 42 -21.62 -7.39 -29.71
C PRO C 42 -21.22 -6.00 -30.21
N ALA C 43 -21.97 -4.95 -29.88
CA ALA C 43 -21.61 -3.59 -30.22
C ALA C 43 -20.85 -2.88 -29.11
N PHE C 44 -20.81 -3.46 -27.91
CA PHE C 44 -20.04 -2.86 -26.82
C PHE C 44 -18.58 -2.74 -27.22
N SER C 45 -18.03 -1.53 -27.12
CA SER C 45 -16.62 -1.31 -27.43
C SER C 45 -15.93 -0.73 -26.20
N ASP C 46 -14.82 -1.35 -25.82
CA ASP C 46 -13.94 -0.84 -24.77
C ASP C 46 -12.53 -1.25 -25.12
N PRO C 47 -11.93 -0.62 -26.14
CA PRO C 47 -10.58 -1.01 -26.56
C PRO C 47 -9.60 -0.85 -25.42
N PRO C 48 -8.54 -1.66 -25.40
CA PRO C 48 -7.57 -1.55 -24.31
C PRO C 48 -6.86 -0.19 -24.32
N LEU C 49 -6.85 0.43 -23.16
CA LEU C 49 -6.07 1.61 -22.86
C LEU C 49 -4.64 1.27 -22.46
N GLU C 50 -4.42 0.02 -22.12
CA GLU C 50 -3.15 -0.43 -21.60
C GLU C 50 -2.25 -1.07 -22.63
N ALA C 51 -0.97 -0.78 -22.53
CA ALA C 51 -0.01 -1.28 -23.49
C ALA C 51 1.16 -1.99 -22.81
N VAL C 52 1.64 -3.02 -23.47
CA VAL C 52 2.84 -3.77 -23.09
C VAL C 52 3.71 -3.81 -24.33
N ASP C 53 5.03 -3.74 -24.14
CA ASP C 53 5.96 -3.72 -25.25
C ASP C 53 6.22 -5.15 -25.66
N VAL C 54 5.97 -5.46 -26.94
CA VAL C 54 6.02 -6.85 -27.41
C VAL C 54 7.38 -7.47 -27.16
N ARG C 55 8.44 -6.66 -27.18
CA ARG C 55 9.79 -7.16 -26.91
C ARG C 55 9.90 -7.73 -25.50
N GLN C 56 9.13 -7.20 -24.54
CA GLN C 56 9.08 -7.73 -23.18
C GLN C 56 8.52 -9.15 -23.08
N ILE C 57 7.87 -9.69 -24.11
CA ILE C 57 7.37 -11.06 -24.04
C ILE C 57 7.98 -11.98 -25.10
N TYR C 58 8.92 -11.48 -25.91
CA TYR C 58 9.53 -12.30 -26.96
C TYR C 58 9.97 -13.64 -26.40
N ASP C 59 10.63 -13.64 -25.27
CA ASP C 59 11.18 -14.87 -24.71
C ASP C 59 10.19 -15.93 -24.23
N LYS C 60 8.94 -15.55 -24.01
CA LYS C 60 7.93 -16.48 -23.51
C LYS C 60 7.26 -17.18 -24.65
N PHE C 61 7.60 -16.78 -25.85
CA PHE C 61 7.04 -17.40 -27.02
C PHE C 61 8.20 -17.79 -27.90
N PRO C 62 8.00 -18.77 -28.77
CA PRO C 62 9.16 -19.21 -29.54
C PRO C 62 9.62 -18.10 -30.41
N GLU C 63 10.92 -17.86 -30.49
CA GLU C 63 11.30 -16.85 -31.41
C GLU C 63 11.92 -17.59 -32.54
N LYS C 64 11.22 -17.57 -33.65
CA LYS C 64 11.62 -18.35 -34.77
C LYS C 64 10.84 -17.79 -35.92
N LYS C 65 11.13 -18.26 -37.11
CA LYS C 65 10.32 -17.82 -38.21
C LYS C 65 8.97 -18.32 -37.86
N GLY C 66 7.95 -17.53 -38.16
CA GLY C 66 6.61 -17.89 -37.76
C GLY C 66 6.38 -17.47 -36.35
N GLY C 67 7.32 -16.73 -35.79
CA GLY C 67 7.19 -16.27 -34.43
C GLY C 67 6.64 -14.90 -34.18
N LEU C 68 6.43 -14.57 -32.92
CA LEU C 68 5.82 -13.30 -32.56
C LEU C 68 6.64 -12.12 -33.04
N LYS C 69 7.98 -12.20 -32.94
CA LYS C 69 8.82 -11.09 -33.38
C LYS C 69 8.68 -10.85 -34.87
N GLU C 70 8.70 -11.91 -35.66
CA GLU C 70 8.53 -11.74 -37.10
C GLU C 70 7.10 -11.36 -37.43
N LEU C 71 6.14 -12.03 -36.81
CA LEU C 71 4.74 -11.72 -37.09
C LEU C 71 4.44 -10.27 -36.77
N TYR C 72 4.93 -9.78 -35.63
CA TYR C 72 4.72 -8.39 -35.25
C TYR C 72 5.40 -7.44 -36.23
N GLU C 73 6.61 -7.78 -36.67
CA GLU C 73 7.28 -7.00 -37.70
C GLU C 73 6.50 -7.01 -39.02
N LYS C 74 5.82 -8.11 -39.33
CA LYS C 74 5.03 -8.15 -40.56
C LYS C 74 3.80 -7.26 -40.48
N GLY C 75 3.28 -7.04 -39.29
CA GLY C 75 2.15 -6.16 -39.13
C GLY C 75 0.87 -6.81 -39.62
N PRO C 76 -0.26 -6.12 -39.48
CA PRO C 76 -0.46 -4.79 -38.86
C PRO C 76 -0.32 -4.84 -37.37
N PRO C 77 0.21 -3.76 -36.79
CA PRO C 77 0.44 -3.76 -35.34
C PRO C 77 -0.83 -3.70 -34.53
N ASN C 78 -1.86 -3.04 -35.05
CA ASN C 78 -3.13 -2.96 -34.34
C ASN C 78 -3.87 -4.31 -34.29
N ALA C 79 -3.25 -5.39 -34.75
CA ALA C 79 -3.87 -6.70 -34.66
C ALA C 79 -3.33 -7.54 -33.51
N PHE C 80 -2.40 -6.99 -32.71
CA PHE C 80 -1.62 -7.76 -31.74
C PHE C 80 -2.03 -7.45 -30.30
N PHE C 81 -2.52 -8.47 -29.59
CA PHE C 81 -3.03 -8.33 -28.25
C PHE C 81 -2.44 -9.38 -27.33
N LEU C 82 -2.32 -9.02 -26.06
CA LEU C 82 -1.82 -9.92 -25.04
C LEU C 82 -2.91 -10.08 -24.00
N VAL C 83 -3.17 -11.33 -23.62
CA VAL C 83 -4.14 -11.65 -22.59
C VAL C 83 -3.39 -12.40 -21.52
N LYS C 84 -3.47 -11.90 -20.29
CA LYS C 84 -2.98 -12.63 -19.13
C LYS C 84 -4.20 -13.22 -18.45
N PHE C 85 -4.19 -14.52 -18.20
CA PHE C 85 -5.27 -15.17 -17.48
C PHE C 85 -4.82 -15.51 -16.07
N TRP C 86 -5.72 -15.36 -15.09
CA TRP C 86 -5.67 -16.09 -13.81
C TRP C 86 -6.71 -17.20 -13.90
N ALA C 87 -6.27 -18.42 -14.21
CA ALA C 87 -7.24 -19.48 -14.48
C ALA C 87 -7.75 -20.11 -13.19
N ASP C 88 -9.01 -20.54 -13.24
CA ASP C 88 -9.65 -21.31 -12.17
C ASP C 88 -9.31 -22.78 -12.39
N LEU C 89 -8.56 -23.35 -11.47
CA LEU C 89 -8.12 -24.74 -11.58
C LEU C 89 -8.88 -25.67 -10.65
N ASN C 90 -9.53 -25.14 -9.63
CA ASN C 90 -10.36 -25.92 -8.74
C ASN C 90 -11.68 -26.15 -9.44
N SER C 91 -11.85 -27.34 -10.00
CA SER C 91 -13.05 -27.67 -10.77
C SER C 91 -14.32 -27.29 -10.00
N PRO C 97 -15.79 -39.05 -14.43
CA PRO C 97 -15.57 -39.87 -15.61
C PRO C 97 -16.68 -39.35 -16.50
N GLY C 98 -16.48 -39.23 -17.80
CA GLY C 98 -17.49 -38.61 -18.66
C GLY C 98 -17.45 -37.10 -18.85
N ALA C 99 -16.43 -36.46 -18.34
CA ALA C 99 -16.26 -35.04 -18.56
C ALA C 99 -15.90 -34.65 -19.98
N PHE C 100 -16.28 -33.45 -20.40
CA PHE C 100 -15.88 -32.95 -21.71
C PHE C 100 -14.99 -31.72 -21.61
N TYR C 101 -13.81 -31.79 -22.21
CA TYR C 101 -12.90 -30.66 -22.22
C TYR C 101 -13.03 -29.95 -23.55
N GLY C 102 -13.35 -28.67 -23.50
CA GLY C 102 -13.71 -27.95 -24.71
C GLY C 102 -13.13 -26.57 -24.78
N VAL C 103 -13.00 -26.08 -26.00
CA VAL C 103 -12.76 -24.67 -26.25
C VAL C 103 -13.84 -24.20 -27.20
N SER C 104 -14.27 -22.97 -27.04
CA SER C 104 -15.23 -22.36 -27.94
C SER C 104 -14.85 -20.91 -28.18
N SER C 105 -15.03 -20.44 -29.43
CA SER C 105 -14.73 -19.06 -29.73
C SER C 105 -15.69 -18.52 -30.80
N GLN C 106 -15.92 -17.22 -30.74
CA GLN C 106 -16.60 -16.48 -31.79
C GLN C 106 -15.81 -15.23 -32.16
N TYR C 107 -15.85 -14.91 -33.45
CA TYR C 107 -15.32 -13.67 -34.02
C TYR C 107 -16.38 -13.01 -34.87
N SER C 108 -16.17 -11.72 -35.18
CA SER C 108 -17.07 -11.01 -36.08
C SER C 108 -16.25 -10.07 -36.95
N SER C 109 -16.81 -9.71 -38.11
CA SER C 109 -16.20 -8.74 -38.99
C SER C 109 -17.29 -8.14 -39.86
N ALA C 110 -16.97 -7.02 -40.52
CA ALA C 110 -17.89 -6.46 -41.49
C ALA C 110 -17.79 -7.19 -42.82
N ASP C 111 -16.71 -7.93 -43.03
CA ASP C 111 -16.40 -8.69 -44.24
C ASP C 111 -16.61 -10.18 -44.05
N SER C 112 -17.03 -10.84 -45.15
CA SER C 112 -17.12 -12.30 -45.20
C SER C 112 -15.89 -12.81 -45.91
N MET C 113 -15.05 -13.52 -45.18
CA MET C 113 -13.83 -14.06 -45.75
C MET C 113 -13.53 -15.28 -44.91
N THR C 114 -12.95 -16.28 -45.53
CA THR C 114 -12.62 -17.48 -44.78
C THR C 114 -11.33 -17.22 -44.02
N ILE C 115 -11.41 -17.33 -42.70
CA ILE C 115 -10.27 -17.18 -41.83
C ILE C 115 -9.62 -18.53 -41.58
N SER C 116 -8.35 -18.49 -41.21
CA SER C 116 -7.60 -19.64 -40.75
C SER C 116 -7.09 -19.31 -39.35
N VAL C 117 -7.46 -20.13 -38.36
CA VAL C 117 -7.12 -19.86 -36.96
C VAL C 117 -6.09 -20.87 -36.50
N SER C 118 -4.85 -20.40 -36.31
CA SER C 118 -3.74 -21.23 -35.83
C SER C 118 -3.60 -21.04 -34.33
N THR C 119 -3.44 -22.14 -33.61
CA THR C 119 -3.26 -22.13 -32.16
C THR C 119 -1.95 -22.82 -31.87
N LYS C 120 -1.06 -22.14 -31.16
CA LYS C 120 0.25 -22.70 -30.91
C LYS C 120 0.45 -22.77 -29.41
N VAL C 121 0.51 -23.98 -28.88
CA VAL C 121 0.68 -24.20 -27.46
C VAL C 121 2.17 -24.39 -27.22
N CYS C 122 2.76 -23.51 -26.44
CA CYS C 122 4.19 -23.55 -26.19
C CYS C 122 4.41 -23.85 -24.72
N SER C 123 4.96 -25.03 -24.45
CA SER C 123 5.20 -25.49 -23.09
C SER C 123 6.65 -25.89 -22.96
N PHE C 124 7.40 -25.17 -22.13
CA PHE C 124 8.77 -25.57 -21.81
C PHE C 124 9.61 -25.65 -23.08
N GLY C 125 9.48 -24.63 -23.92
CA GLY C 125 10.31 -24.52 -25.10
C GLY C 125 10.07 -25.58 -26.16
N LYS C 126 8.85 -26.09 -26.27
CA LYS C 126 8.46 -26.92 -27.40
C LYS C 126 7.08 -26.48 -27.88
N GLN C 127 6.85 -26.69 -29.19
CA GLN C 127 5.53 -26.53 -29.79
C GLN C 127 4.75 -27.81 -29.51
N VAL C 128 4.22 -27.89 -28.30
CA VAL C 128 3.55 -29.11 -27.85
C VAL C 128 2.34 -29.42 -28.73
N VAL C 129 1.62 -28.39 -29.17
CA VAL C 129 0.43 -28.55 -29.99
C VAL C 129 0.38 -27.43 -31.01
N GLU C 130 0.13 -27.79 -32.26
CA GLU C 130 -0.28 -26.87 -33.31
C GLU C 130 -1.59 -27.41 -33.87
N LYS C 131 -2.62 -26.57 -33.88
CA LYS C 131 -3.92 -26.92 -34.45
C LYS C 131 -4.36 -25.78 -35.33
N VAL C 132 -4.82 -26.10 -36.54
CA VAL C 132 -5.25 -25.10 -37.50
C VAL C 132 -6.70 -25.40 -37.89
N GLU C 133 -7.59 -24.46 -37.59
CA GLU C 133 -9.00 -24.58 -37.90
C GLU C 133 -9.36 -23.55 -38.97
N THR C 134 -10.20 -23.96 -39.92
CA THR C 134 -10.71 -23.09 -40.96
C THR C 134 -12.15 -22.72 -40.61
N GLU C 135 -12.46 -21.44 -40.62
CA GLU C 135 -13.78 -21.04 -40.19
C GLU C 135 -14.45 -20.16 -41.25
N TYR C 136 -15.71 -20.46 -41.54
CA TYR C 136 -16.45 -19.81 -42.59
C TYR C 136 -17.40 -18.77 -42.01
N ALA C 137 -17.49 -17.62 -42.67
CA ALA C 137 -18.39 -16.57 -42.26
C ALA C 137 -19.85 -17.00 -42.39
N ARG C 138 -20.68 -16.62 -41.42
CA ARG C 138 -22.13 -16.75 -41.52
C ARG C 138 -22.75 -15.43 -41.08
N LEU C 139 -23.62 -14.88 -41.94
CA LEU C 139 -24.19 -13.58 -41.64
C LEU C 139 -25.24 -13.69 -40.53
N GLU C 140 -25.08 -12.87 -39.49
CA GLU C 140 -26.00 -12.90 -38.37
C GLU C 140 -26.19 -11.47 -37.88
N ASN C 141 -27.46 -11.04 -37.77
CA ASN C 141 -27.84 -9.75 -37.21
C ASN C 141 -26.92 -8.66 -37.70
N GLY C 142 -26.67 -8.67 -39.02
CA GLY C 142 -25.93 -7.60 -39.66
C GLY C 142 -24.43 -7.71 -39.59
N ARG C 143 -23.91 -8.59 -38.75
CA ARG C 143 -22.48 -8.83 -38.69
C ARG C 143 -22.19 -10.19 -39.30
N PHE C 144 -20.95 -10.37 -39.72
CA PHE C 144 -20.44 -11.66 -40.14
C PHE C 144 -19.75 -12.34 -38.98
N VAL C 145 -20.19 -13.56 -38.69
CA VAL C 145 -19.85 -14.25 -37.45
C VAL C 145 -19.21 -15.59 -37.76
N TYR C 146 -18.02 -15.81 -37.20
CA TYR C 146 -17.25 -17.06 -37.25
C TYR C 146 -17.34 -17.72 -35.87
N ARG C 147 -17.75 -18.98 -35.83
CA ARG C 147 -17.99 -19.67 -34.58
C ARG C 147 -17.30 -21.03 -34.57
N ILE C 148 -16.68 -21.34 -33.43
CA ILE C 148 -16.23 -22.67 -33.09
C ILE C 148 -16.84 -22.97 -31.73
N HIS C 149 -17.69 -23.99 -31.67
CA HIS C 149 -18.33 -24.41 -30.43
C HIS C 149 -17.82 -25.80 -30.07
N ARG C 150 -17.49 -25.99 -28.80
CA ARG C 150 -17.24 -27.32 -28.24
C ARG C 150 -16.17 -28.10 -29.02
N SER C 151 -15.13 -27.41 -29.43
CA SER C 151 -13.96 -28.07 -29.99
C SER C 151 -13.27 -28.88 -28.89
N PRO C 152 -13.07 -30.18 -29.07
CA PRO C 152 -12.43 -30.97 -28.00
C PRO C 152 -10.99 -30.58 -27.77
N MET C 153 -10.61 -30.55 -26.50
CA MET C 153 -9.23 -30.30 -26.11
C MET C 153 -8.38 -31.48 -26.52
N CYS C 154 -7.15 -31.21 -26.92
CA CYS C 154 -6.27 -32.33 -27.18
C CYS C 154 -5.79 -32.92 -25.88
N GLU C 155 -5.34 -34.17 -25.95
CA GLU C 155 -4.96 -34.86 -24.72
C GLU C 155 -3.82 -34.17 -24.02
N TYR C 156 -2.92 -33.52 -24.78
CA TYR C 156 -1.84 -32.79 -24.15
C TYR C 156 -2.39 -31.78 -23.14
N MET C 157 -3.42 -31.04 -23.54
CA MET C 157 -3.95 -30.00 -22.68
C MET C 157 -4.77 -30.59 -21.53
N ILE C 158 -5.51 -31.67 -21.79
CA ILE C 158 -6.21 -32.32 -20.69
C ILE C 158 -5.21 -32.84 -19.68
N ASN C 159 -4.12 -33.43 -20.18
CA ASN C 159 -3.06 -33.95 -19.33
C ASN C 159 -2.38 -32.85 -18.55
N PHE C 160 -2.04 -31.76 -19.23
CA PHE C 160 -1.41 -30.63 -18.59
C PHE C 160 -2.25 -30.15 -17.42
N ILE C 161 -3.56 -30.02 -17.64
CA ILE C 161 -4.43 -29.43 -16.61
C ILE C 161 -4.37 -30.23 -15.31
N HIS C 162 -4.37 -31.57 -15.39
CA HIS C 162 -4.41 -32.37 -14.16
C HIS C 162 -3.05 -32.47 -13.47
N LYS C 163 -1.96 -32.46 -14.21
CA LYS C 163 -0.67 -32.36 -13.55
C LYS C 163 -0.57 -31.06 -12.78
N LEU C 164 -1.15 -29.98 -13.31
CA LEU C 164 -1.25 -28.76 -12.52
C LEU C 164 -2.06 -29.01 -11.27
N LYS C 165 -3.16 -29.75 -11.40
CA LYS C 165 -4.06 -29.95 -10.26
C LYS C 165 -3.41 -30.82 -9.16
N HIS C 166 -2.53 -31.76 -9.51
CA HIS C 166 -1.88 -32.60 -8.49
C HIS C 166 -0.85 -31.84 -7.67
N LEU C 167 -0.42 -30.66 -8.09
CA LEU C 167 0.59 -29.94 -7.32
C LEU C 167 0.03 -29.52 -5.97
N PRO C 168 0.84 -29.58 -4.91
CA PRO C 168 0.32 -29.24 -3.57
C PRO C 168 0.11 -27.75 -3.31
N GLU C 169 0.82 -26.85 -3.97
CA GLU C 169 0.69 -25.43 -3.67
C GLU C 169 0.39 -24.67 -4.95
N LYS C 170 -0.38 -23.58 -4.79
CA LYS C 170 -0.68 -22.75 -5.95
C LYS C 170 0.58 -22.12 -6.53
N TYR C 171 1.53 -21.74 -5.67
CA TYR C 171 2.75 -21.12 -6.17
C TYR C 171 3.52 -22.06 -7.08
N MET C 172 3.46 -23.37 -6.80
CA MET C 172 4.14 -24.34 -7.65
C MET C 172 3.53 -24.37 -9.05
N MET C 173 2.21 -24.16 -9.16
CA MET C 173 1.57 -24.09 -10.46
C MET C 173 1.97 -22.83 -11.22
N ASN C 174 2.16 -21.71 -10.50
CA ASN C 174 2.68 -20.52 -11.17
C ASN C 174 4.04 -20.78 -11.79
N SER C 175 4.86 -21.63 -11.14
CA SER C 175 6.18 -21.94 -11.69
C SER C 175 6.07 -22.68 -13.01
N VAL C 176 5.10 -23.58 -13.12
CA VAL C 176 4.88 -24.26 -14.39
C VAL C 176 4.32 -23.27 -15.42
N LEU C 177 3.29 -22.51 -15.02
CA LEU C 177 2.61 -21.63 -15.97
C LEU C 177 3.49 -20.48 -16.44
N GLU C 178 4.60 -20.20 -15.76
CA GLU C 178 5.58 -19.28 -16.33
C GLU C 178 6.12 -19.81 -17.64
N ASN C 179 6.10 -21.12 -17.84
CA ASN C 179 6.69 -21.76 -19.02
C ASN C 179 5.61 -22.29 -19.96
N PHE C 180 4.39 -21.74 -19.85
CA PHE C 180 3.23 -22.15 -20.64
C PHE C 180 2.56 -20.92 -21.26
N THR C 181 2.38 -20.96 -22.58
CA THR C 181 1.72 -19.89 -23.30
C THR C 181 0.98 -20.48 -24.50
N ILE C 182 -0.05 -19.75 -24.94
CA ILE C 182 -0.77 -20.09 -26.15
C ILE C 182 -0.71 -18.89 -27.06
N LEU C 183 -0.45 -19.14 -28.35
CA LEU C 183 -0.39 -18.07 -29.33
C LEU C 183 -1.42 -18.34 -30.41
N GLN C 184 -2.30 -17.38 -30.61
CA GLN C 184 -3.36 -17.49 -31.61
C GLN C 184 -3.17 -16.53 -32.74
N VAL C 185 -3.06 -17.05 -33.94
CA VAL C 185 -2.87 -16.24 -35.13
C VAL C 185 -3.98 -16.56 -36.13
N VAL C 186 -4.84 -15.58 -36.38
CA VAL C 186 -5.95 -15.69 -37.33
C VAL C 186 -5.55 -14.98 -38.62
N THR C 187 -5.60 -15.70 -39.74
CA THR C 187 -5.26 -15.13 -41.05
C THR C 187 -6.40 -15.35 -42.02
N SER C 188 -6.60 -14.39 -42.92
CA SER C 188 -7.40 -14.65 -44.10
C SER C 188 -6.80 -15.82 -44.83
N ARG C 189 -7.55 -16.91 -44.94
CA ARG C 189 -6.98 -18.14 -45.48
C ARG C 189 -6.28 -17.89 -46.80
N ASP C 190 -6.96 -17.21 -47.71
CA ASP C 190 -6.41 -17.03 -49.04
C ASP C 190 -5.23 -16.06 -49.02
N SER C 191 -5.48 -14.81 -48.55
CA SER C 191 -4.42 -13.82 -48.42
C SER C 191 -3.18 -14.40 -47.73
N GLN C 192 -3.40 -15.13 -46.64
CA GLN C 192 -2.43 -15.38 -45.57
C GLN C 192 -2.14 -14.11 -44.78
N GLU C 193 -2.99 -13.11 -44.93
CA GLU C 193 -2.83 -11.87 -44.21
C GLU C 193 -3.21 -11.95 -42.75
N THR C 194 -2.44 -11.29 -41.90
CA THR C 194 -2.67 -11.36 -40.47
C THR C 194 -3.93 -10.57 -40.08
N LEU C 195 -4.92 -11.25 -39.50
CA LEU C 195 -6.14 -10.57 -39.05
C LEU C 195 -6.13 -10.22 -37.59
N LEU C 196 -5.50 -11.04 -36.75
CA LEU C 196 -5.57 -10.86 -35.31
C LEU C 196 -4.63 -11.86 -34.64
N VAL C 197 -3.93 -11.40 -33.61
CA VAL C 197 -2.97 -12.23 -32.90
C VAL C 197 -3.17 -11.99 -31.41
N ILE C 198 -3.28 -13.06 -30.65
CA ILE C 198 -3.46 -12.97 -29.21
C ILE C 198 -2.40 -13.86 -28.58
N ALA C 199 -1.47 -13.23 -27.86
CA ALA C 199 -0.51 -13.95 -27.03
C ALA C 199 -1.13 -14.16 -25.66
N PHE C 200 -1.28 -15.41 -25.25
CA PHE C 200 -1.83 -15.73 -23.94
C PHE C 200 -0.73 -16.15 -22.97
N VAL C 201 -0.71 -15.52 -21.78
CA VAL C 201 0.16 -15.90 -20.68
C VAL C 201 -0.71 -16.16 -19.46
N PHE C 202 -0.16 -16.91 -18.50
CA PHE C 202 -0.97 -17.62 -17.54
C PHE C 202 -0.43 -17.59 -16.12
N GLU C 203 -1.36 -17.45 -15.20
CA GLU C 203 -1.14 -17.67 -13.79
C GLU C 203 -2.36 -18.38 -13.24
N VAL C 204 -2.27 -18.86 -12.01
CA VAL C 204 -3.42 -19.44 -11.34
C VAL C 204 -3.99 -18.41 -10.38
N SER C 205 -5.31 -18.40 -10.24
CA SER C 205 -5.95 -17.39 -9.42
C SER C 205 -5.73 -17.66 -7.94
N THR C 206 -5.69 -16.58 -7.16
CA THR C 206 -5.67 -16.71 -5.71
C THR C 206 -7.06 -17.00 -5.14
N SER C 207 -8.12 -16.48 -5.78
CA SER C 207 -9.48 -16.79 -5.37
C SER C 207 -9.71 -18.30 -5.35
N GLU C 208 -10.77 -18.74 -4.69
CA GLU C 208 -11.11 -20.16 -4.65
C GLU C 208 -11.76 -20.62 -5.94
N HIS C 209 -12.63 -19.78 -6.47
CA HIS C 209 -13.35 -20.07 -7.73
C HIS C 209 -13.39 -18.84 -8.66
N GLY C 210 -12.29 -18.09 -8.74
CA GLY C 210 -12.33 -16.85 -9.49
C GLY C 210 -11.36 -16.79 -10.64
N ALA C 211 -11.86 -16.62 -11.86
CA ALA C 211 -11.00 -16.40 -13.03
C ALA C 211 -10.99 -14.91 -13.35
N GLN C 212 -9.80 -14.32 -13.38
CA GLN C 212 -9.60 -12.97 -13.88
C GLN C 212 -8.82 -12.99 -15.17
N HIS C 213 -8.78 -11.85 -15.84
CA HIS C 213 -7.86 -11.67 -16.96
C HIS C 213 -7.63 -10.19 -17.21
N HIS C 214 -6.44 -9.88 -17.72
CA HIS C 214 -6.08 -8.52 -18.12
C HIS C 214 -5.85 -8.56 -19.63
N VAL C 215 -6.37 -7.57 -20.34
CA VAL C 215 -6.22 -7.49 -21.80
C VAL C 215 -5.36 -6.28 -22.14
N TYR C 216 -4.33 -6.48 -22.97
CA TYR C 216 -3.39 -5.43 -23.32
C TYR C 216 -3.18 -5.32 -24.83
N LYS C 217 -3.07 -4.09 -25.31
CA LYS C 217 -2.58 -3.82 -26.65
C LYS C 217 -1.07 -4.01 -26.69
N LEU C 218 -0.58 -4.66 -27.74
CA LEU C 218 0.84 -4.94 -27.90
C LEU C 218 1.53 -3.85 -28.73
N VAL C 219 2.55 -3.20 -28.16
CA VAL C 219 3.21 -2.08 -28.84
C VAL C 219 4.72 -2.30 -28.94
N LYS C 220 5.39 -1.34 -29.57
CA LYS C 220 6.85 -1.35 -29.69
C LYS C 220 7.30 0.10 -29.65
N ASP C 221 8.13 0.44 -28.68
CA ASP C 221 8.70 1.77 -28.66
C ASP C 221 10.15 1.79 -28.18
N1 A1L1O D . 13.62 3.90 24.90
C4 A1L1O D . 11.82 3.23 26.51
C5 A1L1O D . 11.58 4.49 26.83
C6 A1L1O D . 11.43 2.21 27.38
C7 A1L1O D . 10.79 2.53 28.56
C8 A1L1O D . 10.56 3.84 28.91
C10 A1L1O D . 10.39 1.42 29.50
C13 A1L1O D . 9.75 -0.60 31.22
C15 A1L1O D . 10.86 1.45 30.79
C17 A1L1O D . 14.80 3.55 24.16
C1 A1L1O D . 12.03 5.57 25.87
C11 A1L1O D . 9.62 0.37 29.06
C12 A1L1O D . 9.29 -0.64 29.93
C14 A1L1O D . 10.53 0.44 31.67
C16 A1L1O D . 9.39 -1.72 32.18
C18 A1L1O D . 15.85 4.62 23.94
C19 A1L1O D . 17.27 4.17 24.25
C2 A1L1O D . 13.45 5.26 25.42
C3 A1L1O D . 12.53 2.94 25.17
C9 A1L1O D . 10.94 4.84 28.05
F1 A1L1O D . 8.05 -1.94 32.15
F2 A1L1O D . 9.78 -1.39 33.43
F3 A1L1O D . 10.04 -2.83 31.79
O1 A1L1O D . 14.96 2.46 23.72
N1 A1L1O E . -8.85 11.24 1.17
C4 A1L1O E . -8.96 8.78 0.67
C5 A1L1O E . -7.89 8.86 -0.12
C6 A1L1O E . -9.85 7.70 0.56
C7 A1L1O E . -9.57 6.71 -0.35
C8 A1L1O E . -8.48 6.78 -1.19
C10 A1L1O E . -10.59 5.61 -0.46
C13 A1L1O E . -12.57 3.78 -0.80
C15 A1L1O E . -10.96 4.86 0.63
C17 A1L1O E . -9.41 12.42 1.78
C1 A1L1O E . -6.97 10.06 0.04
C11 A1L1O E . -11.24 5.50 -1.69
C12 A1L1O E . -12.24 4.56 -1.86
C14 A1L1O E . -11.96 3.92 0.44
C16 A1L1O E . -13.67 2.77 -0.95
C18 A1L1O E . -8.97 13.78 1.20
C19 A1L1O E . -8.48 14.69 2.33
C2 A1L1O E . -7.87 11.30 0.07
C3 A1L1O E . -9.22 9.91 1.69
C9 A1L1O E . -7.62 7.85 -1.07
F1 A1L1O E . -13.29 1.63 -0.31
F2 A1L1O E . -14.81 3.27 -0.40
F3 A1L1O E . -13.81 2.59 -2.28
O1 A1L1O E . -10.18 12.31 2.69
N1 A1L1O F . -6.43 -26.10 -26.08
C4 A1L1O F . -6.95 -24.82 -24.01
C5 A1L1O F . -6.89 -23.65 -24.66
C6 A1L1O F . -6.77 -24.83 -22.61
C7 A1L1O F . -6.57 -23.62 -21.96
C8 A1L1O F . -6.49 -22.43 -22.63
C10 A1L1O F . -6.29 -23.69 -20.49
C13 A1L1O F . -5.56 -23.87 -17.89
C15 A1L1O F . -6.95 -24.60 -19.70
C17 A1L1O F . -6.04 -27.34 -26.75
C1 A1L1O F . -7.06 -23.71 -26.17
C11 A1L1O F . -5.22 -22.93 -20.00
C12 A1L1O F . -4.84 -23.00 -18.67
C14 A1L1O F . -6.58 -24.66 -18.37
C16 A1L1O F . -5.17 -24.01 -16.46
C18 A1L1O F . -5.21 -27.28 -28.01
C19 A1L1O F . -5.95 -28.13 -29.05
C2 A1L1O F . -6.04 -24.77 -26.61
C3 A1L1O F . -7.22 -26.10 -24.83
C9 A1L1O F . -6.65 -22.42 -24.01
F1 A1L1O F . -6.23 -23.79 -15.64
F2 A1L1O F . -4.70 -25.28 -16.31
F3 A1L1O F . -4.19 -23.10 -16.32
O1 A1L1O F . -6.39 -28.40 -26.33
#